data_9D32
#
_entry.id   9D32
#
loop_
_entity.id
_entity.type
_entity.pdbx_description
1 polymer 'Angiotensin-converting enzyme'
2 polymer 'Spike glycoprotein'
3 branched alpha-L-fucopyranose-(1-6)-2-acetamido-2-deoxy-beta-D-glucopyranose
4 non-polymer 2-acetamido-2-deoxy-beta-D-glucopyranose
5 non-polymer 'ZINC ION'
#
loop_
_entity_poly.entity_id
_entity_poly.type
_entity_poly.pdbx_seq_one_letter_code
_entity_poly.pdbx_strand_id
1 'polypeptide(L)'
;MPMGSLQPLATLYLLGMLVASVLAQYTTEEEARRFLVKFNHEAENLSHESALASWDYNTNITDENAKKMNEADNKWSDFY
KEQSKIAQGFPLQEIKDPIIKLQLQILQQNGSSVLTAEKRKRLSTILTTMSTIYSTGKVCNPNNPQQCFTLSGLEDIMEK
SKDYHERLWVWEGWRSEVGKQLRPLYEEYVELKNEMARGNNYKDYGDYWRGDYETEGEKGYNYSRNYLMEDVDRIFLEIK
PLYEQLHAYVRAKLMKAYPSHISPTGCLPAHLLGDMWGRFWTNLYNLTVPLEKEPNIDVTDTMKKQSWDAEKIFKEAEKF
YSSVGLPNMTPGFWRDSMLTEPSDGRQVVCHPTAWDLGKNDFRIKMCTKVTMDDFLTAHHEMGHIQYDMAYANQSYLLRN
GANEGFHEAVGEVMSLSVATPKHLKGMGLLPSDFSENNETEINFLLKQALTIVGTLPFTYMLEKWRWMVFEGKIPKEQWM
EKWWEMKREIVGVVEPLPHDETYCDPASLFHVANDYSFIRYFTRTILEFQFQEALCRTAKHQGPLHKCDISNSTEAGKKL
NDMLKLGKSTPWTYALEKIAETKEMDAKPLLNYFNPLFRWLKEQNGNSVGWSVDSSPYSNQSIKVRISLKSALGEKAYEW
NENEMYLFQSSVAYAMRVYFLKAKNESIPFRAEDVRVSDEKKRVSFKFFVTSPTNMSDIIPRSEVEDAIRMSRSRINDAF
RLDDNTLEFLGLVPRGSSSGGSGLNDIFEAQKIEWHEGGSHHHHHHHH
;
A
2 'polypeptide(L)'
;MGILPSPGMPALLSLVSLLSVLLMGCVAETGTQECDFTPMLTGTPPPIYNFKRLVFTNCNYNLTKLLSLFQVSEFSCHQV
SPSSLATGCYSSLTVDYFAYSTDMSSYLQPGSAGEIVQFNYKQDFSNPTCRVLATVPQNLTTITKPSNYAYLTECYKTSA
YGKNYLYNAPGGYTPCLSLASRGFSTKYQSHSDGELTTTGYIYPVTGNLQMAFIISVQYGTDTNSVCPMQLVPRGSSSGG
SGLNDIFEAQKIEWHEGGSHHHHHHHH
;
B
#
# COMPACT_ATOMS: atom_id res chain seq x y z
N THR A 27 -0.06 -13.11 -38.07
CA THR A 27 -1.22 -13.42 -37.24
C THR A 27 -1.63 -12.20 -36.43
N THR A 28 -2.81 -12.28 -35.80
CA THR A 28 -3.27 -11.17 -34.97
C THR A 28 -2.56 -11.15 -33.63
N GLU A 29 -2.22 -12.32 -33.08
CA GLU A 29 -1.59 -12.36 -31.77
C GLU A 29 -0.17 -11.77 -31.80
N GLU A 30 0.58 -12.00 -32.88
CA GLU A 30 1.92 -11.41 -32.98
C GLU A 30 1.85 -9.89 -33.05
N GLU A 31 0.90 -9.37 -33.83
CA GLU A 31 0.70 -7.93 -33.90
C GLU A 31 0.29 -7.36 -32.55
N ALA A 32 -0.59 -8.06 -31.83
CA ALA A 32 -0.96 -7.62 -30.50
C ALA A 32 0.25 -7.60 -29.57
N ARG A 33 1.11 -8.61 -29.68
CA ARG A 33 2.31 -8.68 -28.85
C ARG A 33 3.25 -7.51 -29.11
N ARG A 34 3.54 -7.20 -30.37
CA ARG A 34 4.42 -6.07 -30.64
C ARG A 34 3.78 -4.72 -30.29
N PHE A 35 2.47 -4.58 -30.50
CA PHE A 35 1.79 -3.37 -30.06
C PHE A 35 1.92 -3.19 -28.55
N LEU A 36 1.75 -4.27 -27.79
CA LEU A 36 1.90 -4.17 -26.35
C LEU A 36 3.34 -3.88 -25.95
N VAL A 37 4.33 -4.39 -26.69
CA VAL A 37 5.73 -4.09 -26.39
C VAL A 37 5.98 -2.58 -26.49
N LYS A 38 5.56 -1.98 -27.61
CA LYS A 38 5.80 -0.54 -27.73
C LYS A 38 4.95 0.27 -26.77
N PHE A 39 3.71 -0.16 -26.47
CA PHE A 39 2.92 0.52 -25.47
C PHE A 39 3.62 0.54 -24.12
N ASN A 40 4.18 -0.62 -23.72
CA ASN A 40 4.90 -0.67 -22.46
C ASN A 40 6.10 0.26 -22.48
N HIS A 41 6.85 0.27 -23.58
CA HIS A 41 8.01 1.16 -23.70
C HIS A 41 7.63 2.61 -23.43
N GLU A 42 6.55 3.10 -24.03
CA GLU A 42 6.20 4.52 -23.87
C GLU A 42 5.54 4.81 -22.53
N ALA A 43 4.73 3.86 -22.04
CA ALA A 43 4.03 4.05 -20.77
C ALA A 43 4.99 4.15 -19.60
N GLU A 44 6.07 3.35 -19.63
CA GLU A 44 7.02 3.37 -18.52
C GLU A 44 7.60 4.75 -18.27
N ASN A 45 7.72 5.59 -19.30
CA ASN A 45 8.21 6.95 -19.11
C ASN A 45 7.08 7.92 -18.77
N LEU A 46 5.97 7.86 -19.52
CA LEU A 46 4.92 8.85 -19.32
C LEU A 46 4.28 8.73 -17.95
N SER A 47 4.02 7.50 -17.49
CA SER A 47 3.40 7.32 -16.18
C SER A 47 4.29 7.84 -15.06
N HIS A 48 5.60 7.59 -15.13
CA HIS A 48 6.49 8.09 -14.08
C HIS A 48 6.55 9.61 -14.10
N GLU A 49 6.56 10.22 -15.29
CA GLU A 49 6.56 11.68 -15.33
C GLU A 49 5.31 12.26 -14.67
N SER A 50 4.14 11.68 -14.98
CA SER A 50 2.90 12.16 -14.35
C SER A 50 2.92 11.95 -12.85
N ALA A 51 3.39 10.77 -12.40
CA ALA A 51 3.42 10.49 -10.97
C ALA A 51 4.38 11.40 -10.23
N LEU A 52 5.54 11.68 -10.83
CA LEU A 52 6.50 12.58 -10.20
C LEU A 52 5.95 14.00 -10.10
N ALA A 53 5.24 14.46 -11.13
CA ALA A 53 4.62 15.78 -11.05
C ALA A 53 3.58 15.82 -9.93
N SER A 54 2.76 14.77 -9.82
CA SER A 54 1.76 14.72 -8.75
C SER A 54 2.42 14.72 -7.38
N TRP A 55 3.49 13.95 -7.21
CA TRP A 55 4.19 13.92 -5.94
C TRP A 55 4.80 15.27 -5.60
N ASP A 56 5.40 15.93 -6.60
CA ASP A 56 5.97 17.25 -6.35
C ASP A 56 4.90 18.25 -5.96
N TYR A 57 3.70 18.13 -6.50
CA TYR A 57 2.61 19.01 -6.10
C TYR A 57 2.15 18.72 -4.68
N ASN A 58 1.93 17.44 -4.35
CA ASN A 58 1.30 17.11 -3.08
C ASN A 58 2.17 17.50 -1.88
N THR A 59 3.47 17.28 -1.95
CA THR A 59 4.36 17.62 -0.85
C THR A 59 4.80 19.07 -0.84
N ASN A 60 4.43 19.84 -1.87
CA ASN A 60 4.81 21.23 -1.98
C ASN A 60 3.74 21.99 -2.75
N ILE A 61 2.78 22.58 -2.05
CA ILE A 61 1.56 23.10 -2.66
C ILE A 61 1.84 24.53 -3.14
N THR A 62 1.66 24.76 -4.44
CA THR A 62 1.80 26.07 -5.05
C THR A 62 1.04 26.07 -6.37
N ASP A 63 1.02 27.23 -7.03
CA ASP A 63 0.34 27.33 -8.33
C ASP A 63 1.16 26.67 -9.43
N GLU A 64 2.48 26.89 -9.44
CA GLU A 64 3.32 26.32 -10.47
C GLU A 64 3.32 24.80 -10.41
N ASN A 65 3.36 24.24 -9.21
CA ASN A 65 3.28 22.78 -9.06
C ASN A 65 1.95 22.25 -9.56
N ALA A 66 0.85 22.97 -9.27
CA ALA A 66 -0.46 22.54 -9.75
C ALA A 66 -0.53 22.54 -11.28
N LYS A 67 -0.01 23.58 -11.92
CA LYS A 67 -0.08 23.62 -13.38
C LYS A 67 0.84 22.60 -14.02
N LYS A 68 2.01 22.33 -13.44
CA LYS A 68 2.87 21.27 -13.95
C LYS A 68 2.20 19.91 -13.81
N MET A 69 1.54 19.67 -12.67
CA MET A 69 0.80 18.44 -12.48
C MET A 69 -0.30 18.29 -13.53
N ASN A 70 -1.01 19.38 -13.81
CA ASN A 70 -2.09 19.33 -14.80
C ASN A 70 -1.56 19.04 -16.20
N GLU A 71 -0.45 19.67 -16.58
CA GLU A 71 0.09 19.41 -17.92
C GLU A 71 0.60 17.97 -18.05
N ALA A 72 1.25 17.44 -17.01
CA ALA A 72 1.69 16.05 -17.07
C ALA A 72 0.49 15.09 -17.17
N ASP A 73 -0.56 15.36 -16.39
CA ASP A 73 -1.75 14.51 -16.46
C ASP A 73 -2.40 14.58 -17.82
N ASN A 74 -2.44 15.77 -18.44
CA ASN A 74 -3.01 15.89 -19.77
C ASN A 74 -2.20 15.12 -20.80
N LYS A 75 -0.87 15.18 -20.70
CA LYS A 75 -0.05 14.39 -21.63
C LYS A 75 -0.32 12.90 -21.49
N TRP A 76 -0.37 12.41 -20.25
CA TRP A 76 -0.64 10.98 -20.04
C TRP A 76 -2.02 10.60 -20.55
N SER A 77 -3.03 11.43 -20.30
CA SER A 77 -4.38 11.11 -20.74
C SER A 77 -4.48 11.07 -22.26
N ASP A 78 -3.86 12.04 -22.93
CA ASP A 78 -3.88 12.04 -24.39
C ASP A 78 -3.17 10.81 -24.96
N PHE A 79 -2.01 10.45 -24.42
CA PHE A 79 -1.32 9.26 -24.90
C PHE A 79 -2.16 8.01 -24.69
N TYR A 80 -2.77 7.88 -23.51
CA TYR A 80 -3.55 6.68 -23.22
C TYR A 80 -4.76 6.59 -24.15
N LYS A 81 -5.44 7.71 -24.40
CA LYS A 81 -6.58 7.67 -25.29
C LYS A 81 -6.18 7.31 -26.72
N GLU A 82 -5.10 7.92 -27.21
CA GLU A 82 -4.68 7.64 -28.59
C GLU A 82 -4.20 6.19 -28.73
N GLN A 83 -3.64 5.62 -27.66
CA GLN A 83 -3.23 4.22 -27.72
C GLN A 83 -4.42 3.28 -27.59
N SER A 84 -5.44 3.66 -26.82
CA SER A 84 -6.63 2.81 -26.68
C SER A 84 -7.44 2.79 -27.96
N LYS A 85 -7.37 3.87 -28.75
CA LYS A 85 -8.02 3.84 -30.06
C LYS A 85 -7.40 2.80 -31.00
N ILE A 86 -6.16 2.39 -30.72
CA ILE A 86 -5.47 1.45 -31.61
C ILE A 86 -5.76 0.01 -31.19
N ALA A 87 -5.99 -0.22 -29.90
CA ALA A 87 -6.24 -1.57 -29.41
C ALA A 87 -7.56 -2.13 -29.90
N GLN A 88 -8.45 -1.29 -30.45
CA GLN A 88 -9.74 -1.76 -30.94
C GLN A 88 -9.61 -2.60 -32.20
N GLY A 89 -8.46 -2.59 -32.85
CA GLY A 89 -8.27 -3.33 -34.08
C GLY A 89 -7.86 -4.78 -33.88
N PHE A 90 -7.77 -5.26 -32.65
CA PHE A 90 -7.38 -6.64 -32.34
C PHE A 90 -8.57 -7.32 -31.68
N PRO A 91 -9.37 -8.05 -32.46
CA PRO A 91 -10.50 -8.77 -31.87
C PRO A 91 -10.02 -9.83 -30.88
N LEU A 92 -10.76 -9.97 -29.78
CA LEU A 92 -10.34 -10.89 -28.73
C LEU A 92 -10.64 -12.34 -29.04
N GLN A 93 -11.45 -12.62 -30.05
CA GLN A 93 -11.74 -14.00 -30.41
C GLN A 93 -10.54 -14.71 -31.02
N GLU A 94 -9.58 -13.97 -31.57
CA GLU A 94 -8.39 -14.55 -32.18
C GLU A 94 -7.17 -14.48 -31.27
N ILE A 95 -7.36 -14.12 -30.01
CA ILE A 95 -6.29 -14.06 -29.03
C ILE A 95 -6.44 -15.23 -28.08
N LYS A 96 -5.37 -15.99 -27.89
CA LYS A 96 -5.37 -17.19 -27.05
C LYS A 96 -4.62 -17.01 -25.74
N ASP A 97 -3.59 -16.19 -25.71
CA ASP A 97 -2.76 -16.05 -24.52
C ASP A 97 -3.55 -15.36 -23.42
N PRO A 98 -3.60 -15.90 -22.20
CA PRO A 98 -4.37 -15.27 -21.12
C PRO A 98 -3.79 -13.95 -20.63
N ILE A 99 -2.60 -13.56 -21.05
CA ILE A 99 -1.98 -12.32 -20.60
C ILE A 99 -2.09 -11.22 -21.65
N ILE A 100 -1.85 -11.54 -22.93
CA ILE A 100 -2.07 -10.57 -23.99
C ILE A 100 -3.55 -10.20 -24.07
N LYS A 101 -4.42 -11.19 -23.97
CA LYS A 101 -5.86 -10.93 -23.97
C LYS A 101 -6.27 -10.10 -22.76
N LEU A 102 -5.66 -10.37 -21.61
CA LEU A 102 -5.97 -9.61 -20.39
C LEU A 102 -5.60 -8.14 -20.56
N GLN A 103 -4.45 -7.86 -21.18
CA GLN A 103 -4.03 -6.48 -21.37
C GLN A 103 -4.82 -5.78 -22.48
N LEU A 104 -5.25 -6.53 -23.49
CA LEU A 104 -6.10 -5.93 -24.52
C LEU A 104 -7.51 -5.65 -24.02
N GLN A 105 -8.02 -6.43 -23.07
CA GLN A 105 -9.32 -6.12 -22.50
C GLN A 105 -9.33 -4.80 -21.76
N ILE A 106 -8.23 -4.44 -21.11
CA ILE A 106 -8.15 -3.20 -20.36
C ILE A 106 -8.12 -1.98 -21.28
N LEU A 107 -7.43 -2.09 -22.41
CA LEU A 107 -7.31 -0.97 -23.33
C LEU A 107 -8.58 -0.74 -24.15
N GLN A 108 -9.33 -1.80 -24.45
CA GLN A 108 -10.46 -1.68 -25.35
C GLN A 108 -11.71 -1.10 -24.69
N GLN A 109 -11.69 -0.85 -23.39
CA GLN A 109 -12.85 -0.30 -22.71
C GLN A 109 -13.15 1.11 -23.18
N ASN A 110 -14.43 1.40 -23.38
CA ASN A 110 -14.87 2.72 -23.80
C ASN A 110 -15.25 3.60 -22.61
N GLY A 111 -16.16 3.13 -21.77
CA GLY A 111 -16.59 3.94 -20.64
C GLY A 111 -17.53 5.05 -21.07
N SER A 112 -17.48 6.16 -20.35
CA SER A 112 -18.38 7.29 -20.59
C SER A 112 -18.29 7.84 -22.00
N SER A 113 -17.30 7.39 -22.79
CA SER A 113 -17.20 7.79 -24.19
C SER A 113 -18.33 7.24 -25.04
N VAL A 114 -19.11 6.28 -24.53
CA VAL A 114 -20.24 5.76 -25.30
C VAL A 114 -21.43 6.71 -25.34
N LEU A 115 -21.45 7.73 -24.48
CA LEU A 115 -22.58 8.64 -24.41
C LEU A 115 -22.54 9.63 -25.59
N THR A 116 -23.68 10.26 -25.83
CA THR A 116 -23.88 11.08 -27.03
C THR A 116 -23.53 12.55 -26.78
N ALA A 117 -22.25 12.78 -26.49
CA ALA A 117 -21.67 14.12 -26.44
C ALA A 117 -22.30 15.00 -25.37
N GLU A 118 -23.56 15.41 -25.58
CA GLU A 118 -24.23 16.26 -24.61
C GLU A 118 -24.43 15.54 -23.28
N LYS A 119 -24.80 14.26 -23.34
CA LYS A 119 -25.06 13.51 -22.11
C LYS A 119 -23.79 13.32 -21.30
N ARG A 120 -22.64 13.19 -21.94
CA ARG A 120 -21.38 13.07 -21.20
C ARG A 120 -21.09 14.35 -20.41
N LYS A 121 -21.27 15.51 -21.05
CA LYS A 121 -21.07 16.78 -20.35
C LYS A 121 -22.08 16.94 -19.23
N ARG A 122 -23.33 16.54 -19.46
CA ARG A 122 -24.34 16.61 -18.42
C ARG A 122 -23.98 15.73 -17.23
N LEU A 123 -23.46 14.53 -17.50
CA LEU A 123 -23.04 13.64 -16.42
C LEU A 123 -21.89 14.23 -15.63
N SER A 124 -20.91 14.81 -16.32
CA SER A 124 -19.80 15.45 -15.61
C SER A 124 -20.30 16.60 -14.74
N THR A 125 -21.21 17.41 -15.27
CA THR A 125 -21.79 18.50 -14.49
C THR A 125 -22.51 17.98 -13.25
N ILE A 126 -23.29 16.91 -13.41
CA ILE A 126 -24.02 16.34 -12.28
C ILE A 126 -23.05 15.84 -11.21
N LEU A 127 -21.99 15.14 -11.63
CA LEU A 127 -21.04 14.60 -10.66
C LEU A 127 -20.35 15.73 -9.90
N THR A 128 -19.89 16.77 -10.60
CA THR A 128 -19.27 17.90 -9.91
C THR A 128 -20.25 18.61 -8.98
N THR A 129 -21.50 18.78 -9.42
CA THR A 129 -22.48 19.45 -8.57
C THR A 129 -22.74 18.65 -7.29
N MET A 130 -22.87 17.33 -7.39
CA MET A 130 -23.10 16.52 -6.20
C MET A 130 -21.89 16.56 -5.27
N SER A 131 -20.68 16.47 -5.82
CA SER A 131 -19.49 16.53 -4.98
C SER A 131 -19.39 17.88 -4.27
N THR A 132 -19.66 18.97 -4.99
CA THR A 132 -19.59 20.30 -4.38
C THR A 132 -20.66 20.48 -3.32
N ILE A 133 -21.87 19.96 -3.56
CA ILE A 133 -22.95 20.08 -2.59
C ILE A 133 -22.59 19.32 -1.31
N TYR A 134 -22.02 18.13 -1.45
CA TYR A 134 -21.60 17.38 -0.26
C TYR A 134 -20.48 18.11 0.47
N SER A 135 -19.49 18.62 -0.28
CA SER A 135 -18.31 19.20 0.35
C SER A 135 -18.60 20.53 1.04
N THR A 136 -19.75 21.15 0.78
CA THR A 136 -20.09 22.43 1.37
C THR A 136 -21.26 22.33 2.35
N GLY A 137 -21.33 21.26 3.14
CA GLY A 137 -22.42 21.12 4.08
C GLY A 137 -22.31 22.12 5.22
N LYS A 138 -23.46 22.51 5.76
CA LYS A 138 -23.53 23.50 6.83
C LYS A 138 -24.84 23.33 7.57
N VAL A 139 -24.77 23.08 8.89
CA VAL A 139 -25.96 22.84 9.70
C VAL A 139 -25.93 23.78 10.90
N CYS A 140 -27.03 24.50 11.13
CA CYS A 140 -27.13 25.46 12.21
C CYS A 140 -28.03 24.92 13.32
N ASN A 141 -27.76 25.37 14.54
CA ASN A 141 -28.53 24.94 15.70
C ASN A 141 -29.95 25.49 15.62
N PRO A 142 -30.99 24.67 15.75
CA PRO A 142 -32.36 25.20 15.67
C PRO A 142 -32.69 26.25 16.72
N ASN A 143 -32.17 26.09 17.94
CA ASN A 143 -32.41 27.05 19.01
C ASN A 143 -31.34 28.12 19.12
N ASN A 144 -30.18 27.93 18.49
CA ASN A 144 -29.10 28.91 18.49
C ASN A 144 -28.62 29.10 17.05
N PRO A 145 -29.32 29.93 16.28
CA PRO A 145 -28.95 30.10 14.86
C PRO A 145 -27.55 30.65 14.64
N GLN A 146 -26.95 31.29 15.65
CA GLN A 146 -25.59 31.79 15.49
C GLN A 146 -24.57 30.65 15.43
N GLN A 147 -24.91 29.48 15.97
CA GLN A 147 -24.00 28.33 16.01
C GLN A 147 -24.26 27.45 14.78
N CYS A 148 -23.47 27.68 13.74
CA CYS A 148 -23.51 26.87 12.53
C CYS A 148 -22.20 26.13 12.38
N PHE A 149 -22.30 24.82 12.10
CA PHE A 149 -21.13 23.95 12.01
C PHE A 149 -21.01 23.39 10.60
N THR A 150 -19.76 23.21 10.18
CA THR A 150 -19.45 22.55 8.92
C THR A 150 -19.48 21.03 9.13
N LEU A 151 -19.08 20.28 8.10
CA LEU A 151 -19.10 18.83 8.19
C LEU A 151 -18.17 18.31 9.29
N SER A 152 -16.96 18.88 9.39
CA SER A 152 -15.98 18.37 10.35
C SER A 152 -16.40 18.64 11.79
N GLY A 153 -16.82 19.88 12.08
CA GLY A 153 -17.26 20.19 13.42
C GLY A 153 -18.57 19.52 13.78
N LEU A 154 -19.37 19.17 12.79
CA LEU A 154 -20.60 18.42 13.02
C LEU A 154 -20.29 16.96 13.33
N GLU A 155 -19.32 16.38 12.62
CA GLU A 155 -18.92 15.00 12.89
C GLU A 155 -18.24 14.88 14.24
N ASP A 156 -17.48 15.90 14.64
CA ASP A 156 -16.86 15.89 15.97
C ASP A 156 -17.91 15.94 17.07
N ILE A 157 -19.07 16.54 16.81
CA ILE A 157 -20.15 16.57 17.79
C ILE A 157 -20.73 15.17 17.98
N MET A 158 -20.99 14.46 16.88
CA MET A 158 -21.56 13.13 16.98
C MET A 158 -20.60 12.16 17.67
N GLU A 159 -19.31 12.28 17.38
CA GLU A 159 -18.32 11.33 17.89
C GLU A 159 -18.03 11.48 19.37
N LYS A 160 -18.53 12.53 20.03
CA LYS A 160 -18.24 12.74 21.45
C LYS A 160 -19.46 13.09 22.29
N SER A 161 -20.62 13.39 21.70
CA SER A 161 -21.78 13.79 22.49
C SER A 161 -22.39 12.59 23.21
N LYS A 162 -23.12 12.88 24.29
CA LYS A 162 -23.87 11.87 25.02
C LYS A 162 -25.25 12.40 25.39
N ASP A 163 -25.83 13.21 24.52
CA ASP A 163 -27.14 13.83 24.76
C ASP A 163 -28.06 13.45 23.61
N TYR A 164 -29.27 13.01 23.93
CA TYR A 164 -30.16 12.47 22.92
C TYR A 164 -30.54 13.54 21.89
N HIS A 165 -31.05 14.69 22.36
CA HIS A 165 -31.53 15.71 21.44
C HIS A 165 -30.38 16.44 20.74
N GLU A 166 -29.25 16.60 21.41
CA GLU A 166 -28.10 17.25 20.79
C GLU A 166 -27.59 16.44 19.60
N ARG A 167 -27.61 15.12 19.71
CA ARG A 167 -27.28 14.27 18.55
C ARG A 167 -28.41 14.23 17.54
N LEU A 168 -29.66 14.25 18.02
CA LEU A 168 -30.80 14.12 17.11
C LEU A 168 -30.90 15.29 16.16
N TRP A 169 -30.71 16.52 16.66
CA TRP A 169 -30.80 17.66 15.76
C TRP A 169 -29.65 17.68 14.76
N VAL A 170 -28.46 17.26 15.16
CA VAL A 170 -27.35 17.15 14.21
C VAL A 170 -27.66 16.12 13.13
N TRP A 171 -28.15 14.95 13.53
CA TRP A 171 -28.47 13.89 12.58
C TRP A 171 -29.52 14.35 11.58
N GLU A 172 -30.64 14.87 12.09
CA GLU A 172 -31.72 15.31 11.21
C GLU A 172 -31.29 16.50 10.35
N GLY A 173 -30.50 17.42 10.90
CA GLY A 173 -30.06 18.56 10.13
C GLY A 173 -29.16 18.17 8.97
N TRP A 174 -28.22 17.27 9.21
CA TRP A 174 -27.38 16.82 8.11
C TRP A 174 -28.18 16.02 7.10
N ARG A 175 -29.18 15.27 7.56
CA ARG A 175 -29.99 14.49 6.63
C ARG A 175 -30.87 15.38 5.76
N SER A 176 -31.41 16.45 6.31
CA SER A 176 -32.34 17.31 5.59
C SER A 176 -31.67 18.53 4.95
N GLU A 177 -30.38 18.72 5.16
CA GLU A 177 -29.66 19.83 4.54
C GLU A 177 -28.86 19.42 3.31
N VAL A 178 -28.00 18.42 3.45
CA VAL A 178 -27.14 17.97 2.35
C VAL A 178 -27.80 16.88 1.53
N GLY A 179 -28.39 15.89 2.19
CA GLY A 179 -29.00 14.78 1.46
C GLY A 179 -30.34 15.11 0.83
N LYS A 180 -30.99 16.17 1.28
CA LYS A 180 -32.32 16.49 0.74
C LYS A 180 -32.23 17.10 -0.65
N GLN A 181 -31.13 17.77 -0.97
CA GLN A 181 -30.96 18.42 -2.27
C GLN A 181 -30.21 17.56 -3.28
N LEU A 182 -29.77 16.37 -2.89
CA LEU A 182 -29.11 15.46 -3.81
C LEU A 182 -30.07 14.49 -4.48
N ARG A 183 -31.33 14.46 -4.06
CA ARG A 183 -32.31 13.56 -4.67
C ARG A 183 -32.56 13.88 -6.15
N PRO A 184 -32.85 15.13 -6.55
CA PRO A 184 -33.03 15.39 -7.98
C PRO A 184 -31.79 15.09 -8.82
N LEU A 185 -30.60 15.33 -8.28
CA LEU A 185 -29.38 15.01 -9.01
C LEU A 185 -29.13 13.52 -9.06
N TYR A 186 -29.40 12.81 -7.97
CA TYR A 186 -29.16 11.37 -7.94
C TYR A 186 -30.11 10.63 -8.88
N GLU A 187 -31.34 11.13 -9.03
CA GLU A 187 -32.29 10.49 -9.94
C GLU A 187 -31.80 10.54 -11.38
N GLU A 188 -31.19 11.65 -11.80
CA GLU A 188 -30.62 11.74 -13.14
C GLU A 188 -29.29 11.00 -13.25
N TYR A 189 -28.52 10.99 -12.16
CA TYR A 189 -27.27 10.26 -12.13
C TYR A 189 -27.50 8.78 -12.40
N VAL A 190 -28.53 8.20 -11.78
CA VAL A 190 -28.85 6.81 -12.00
C VAL A 190 -29.13 6.52 -13.47
N GLU A 191 -29.93 7.36 -14.12
CA GLU A 191 -30.30 7.09 -15.50
C GLU A 191 -29.14 7.30 -16.47
N LEU A 192 -28.30 8.32 -16.25
CA LEU A 192 -27.15 8.50 -17.14
C LEU A 192 -26.13 7.38 -16.96
N LYS A 193 -25.87 6.96 -15.72
CA LYS A 193 -24.97 5.84 -15.50
C LYS A 193 -25.52 4.56 -16.12
N ASN A 194 -26.83 4.34 -16.01
CA ASN A 194 -27.43 3.17 -16.65
C ASN A 194 -27.31 3.24 -18.17
N GLU A 195 -27.51 4.43 -18.76
CA GLU A 195 -27.34 4.56 -20.21
C GLU A 195 -25.93 4.23 -20.65
N MET A 196 -24.92 4.76 -19.97
CA MET A 196 -23.55 4.45 -20.39
C MET A 196 -23.18 3.00 -20.13
N ALA A 197 -23.68 2.39 -19.04
CA ALA A 197 -23.39 1.00 -18.77
C ALA A 197 -24.06 0.09 -19.81
N ARG A 198 -25.30 0.38 -20.18
CA ARG A 198 -25.95 -0.39 -21.24
C ARG A 198 -25.28 -0.14 -22.59
N GLY A 199 -24.67 1.02 -22.78
CA GLY A 199 -23.84 1.22 -23.95
C GLY A 199 -22.54 0.45 -23.93
N ASN A 200 -22.02 0.11 -22.75
CA ASN A 200 -20.82 -0.70 -22.63
C ASN A 200 -21.13 -2.20 -22.58
N ASN A 201 -22.27 -2.62 -23.13
CA ASN A 201 -22.66 -4.03 -23.19
C ASN A 201 -22.80 -4.65 -21.81
N TYR A 202 -23.34 -3.90 -20.86
CA TYR A 202 -23.73 -4.41 -19.55
C TYR A 202 -25.24 -4.28 -19.38
N LYS A 203 -25.77 -4.84 -18.30
CA LYS A 203 -27.19 -4.71 -18.03
C LYS A 203 -27.50 -3.37 -17.36
N ASP A 204 -26.70 -2.97 -16.38
CA ASP A 204 -26.94 -1.73 -15.64
C ASP A 204 -25.62 -1.33 -15.01
N TYR A 205 -25.62 -0.19 -14.31
CA TYR A 205 -24.39 0.32 -13.73
C TYR A 205 -23.93 -0.50 -12.54
N GLY A 206 -24.87 -1.08 -11.79
CA GLY A 206 -24.48 -2.00 -10.74
C GLY A 206 -23.74 -3.21 -11.30
N ASP A 207 -24.15 -3.69 -12.46
CA ASP A 207 -23.43 -4.76 -13.13
C ASP A 207 -22.04 -4.31 -13.55
N TYR A 208 -21.92 -3.06 -14.01
CA TYR A 208 -20.63 -2.49 -14.33
C TYR A 208 -19.70 -2.50 -13.12
N TRP A 209 -20.25 -2.14 -11.95
CA TRP A 209 -19.46 -2.18 -10.72
C TRP A 209 -19.09 -3.61 -10.34
N ARG A 210 -20.03 -4.54 -10.46
CA ARG A 210 -19.80 -5.93 -10.11
C ARG A 210 -18.80 -6.62 -11.02
N GLY A 211 -18.59 -6.11 -12.23
CA GLY A 211 -17.66 -6.74 -13.15
C GLY A 211 -16.20 -6.63 -12.75
N ASP A 212 -15.89 -5.96 -11.64
CA ASP A 212 -14.51 -5.90 -11.18
C ASP A 212 -14.04 -7.22 -10.58
N TYR A 213 -14.98 -8.12 -10.27
CA TYR A 213 -14.66 -9.42 -9.70
C TYR A 213 -14.76 -10.56 -10.70
N GLU A 214 -14.96 -10.27 -11.98
CA GLU A 214 -15.09 -11.32 -12.98
C GLU A 214 -13.73 -11.73 -13.51
N THR A 215 -13.50 -13.03 -13.60
CA THR A 215 -12.29 -13.59 -14.18
C THR A 215 -12.66 -14.77 -15.06
N GLU A 216 -11.65 -15.30 -15.76
CA GLU A 216 -11.81 -16.51 -16.55
C GLU A 216 -10.79 -17.55 -16.09
N GLY A 217 -11.19 -18.81 -16.14
CA GLY A 217 -10.32 -19.86 -15.64
C GLY A 217 -10.65 -21.19 -16.29
N GLU A 218 -9.80 -22.17 -16.01
CA GLU A 218 -9.92 -23.49 -16.64
C GLU A 218 -10.97 -24.35 -15.94
N LYS A 219 -10.75 -24.64 -14.66
CA LYS A 219 -11.64 -25.51 -13.89
C LYS A 219 -11.75 -24.97 -12.47
N GLY A 220 -12.82 -24.22 -12.21
CA GLY A 220 -13.08 -23.69 -10.89
C GLY A 220 -12.41 -22.37 -10.59
N TYR A 221 -11.55 -21.87 -11.48
CA TYR A 221 -10.88 -20.59 -11.29
C TYR A 221 -11.62 -19.44 -11.93
N ASN A 222 -12.78 -19.70 -12.52
CA ASN A 222 -13.59 -18.67 -13.16
C ASN A 222 -14.60 -18.09 -12.19
N TYR A 223 -14.89 -16.81 -12.37
CA TYR A 223 -15.83 -16.11 -11.49
C TYR A 223 -16.72 -15.24 -12.36
N SER A 224 -17.97 -15.09 -11.94
CA SER A 224 -18.96 -14.33 -12.67
C SER A 224 -19.37 -13.09 -11.90
N ARG A 225 -19.92 -12.11 -12.61
CA ARG A 225 -20.49 -10.93 -11.98
C ARG A 225 -21.95 -11.12 -11.61
N ASN A 226 -22.56 -12.24 -12.01
CA ASN A 226 -23.86 -12.64 -11.52
C ASN A 226 -23.75 -13.55 -10.30
N TYR A 227 -22.53 -13.86 -9.86
CA TYR A 227 -22.27 -14.78 -8.77
C TYR A 227 -21.76 -14.10 -7.51
N LEU A 228 -21.32 -12.85 -7.61
CA LEU A 228 -20.88 -12.12 -6.42
C LEU A 228 -22.04 -11.88 -5.46
N MET A 229 -23.25 -11.69 -5.99
CA MET A 229 -24.39 -11.39 -5.14
C MET A 229 -24.69 -12.54 -4.17
N GLU A 230 -24.82 -13.76 -4.69
CA GLU A 230 -25.11 -14.88 -3.82
C GLU A 230 -23.93 -15.25 -2.94
N ASP A 231 -22.70 -15.03 -3.41
CA ASP A 231 -21.52 -15.24 -2.57
C ASP A 231 -21.56 -14.34 -1.34
N VAL A 232 -21.79 -13.03 -1.53
CA VAL A 232 -21.84 -12.14 -0.38
C VAL A 232 -23.08 -12.41 0.46
N ASP A 233 -24.17 -12.87 -0.15
CA ASP A 233 -25.35 -13.22 0.63
C ASP A 233 -25.07 -14.37 1.59
N ARG A 234 -24.43 -15.44 1.10
CA ARG A 234 -24.15 -16.56 1.99
C ARG A 234 -23.08 -16.20 3.02
N ILE A 235 -22.12 -15.35 2.66
CA ILE A 235 -21.14 -14.92 3.66
C ILE A 235 -21.81 -14.13 4.77
N PHE A 236 -22.74 -13.22 4.42
CA PHE A 236 -23.45 -12.48 5.45
C PHE A 236 -24.31 -13.39 6.30
N LEU A 237 -24.92 -14.41 5.69
CA LEU A 237 -25.68 -15.37 6.48
C LEU A 237 -24.79 -16.12 7.46
N GLU A 238 -23.56 -16.42 7.07
CA GLU A 238 -22.61 -17.02 8.01
C GLU A 238 -22.27 -16.07 9.15
N ILE A 239 -22.08 -14.78 8.84
CA ILE A 239 -21.62 -13.82 9.84
C ILE A 239 -22.73 -13.34 10.80
N LYS A 240 -23.98 -13.38 10.38
CA LYS A 240 -25.08 -12.77 11.13
C LYS A 240 -25.23 -13.23 12.59
N PRO A 241 -25.05 -14.51 12.93
CA PRO A 241 -25.17 -14.89 14.35
C PRO A 241 -24.21 -14.19 15.30
N LEU A 242 -23.01 -13.82 14.87
CA LEU A 242 -22.11 -13.03 15.72
C LEU A 242 -22.59 -11.59 15.87
N TYR A 243 -23.06 -11.00 14.76
CA TYR A 243 -23.57 -9.64 14.81
C TYR A 243 -24.80 -9.54 15.70
N GLU A 244 -25.61 -10.59 15.76
CA GLU A 244 -26.76 -10.55 16.66
C GLU A 244 -26.34 -10.50 18.12
N GLN A 245 -25.33 -11.28 18.51
CA GLN A 245 -24.82 -11.23 19.87
C GLN A 245 -24.23 -9.86 20.20
N LEU A 246 -23.43 -9.31 19.28
CA LEU A 246 -22.84 -8.00 19.50
C LEU A 246 -23.90 -6.90 19.58
N HIS A 247 -24.91 -6.98 18.71
CA HIS A 247 -26.00 -6.02 18.71
C HIS A 247 -26.80 -6.08 20.01
N ALA A 248 -27.06 -7.29 20.50
CA ALA A 248 -27.78 -7.43 21.76
C ALA A 248 -26.98 -6.84 22.93
N TYR A 249 -25.66 -7.10 22.97
CA TYR A 249 -24.84 -6.55 24.04
C TYR A 249 -24.80 -5.03 23.99
N VAL A 250 -24.59 -4.46 22.79
CA VAL A 250 -24.52 -3.02 22.64
C VAL A 250 -25.86 -2.39 23.01
N ARG A 251 -26.97 -3.01 22.60
CA ARG A 251 -28.29 -2.51 22.94
C ARG A 251 -28.53 -2.54 24.44
N ALA A 252 -28.11 -3.62 25.11
CA ALA A 252 -28.30 -3.73 26.55
C ALA A 252 -27.53 -2.65 27.30
N LYS A 253 -26.32 -2.32 26.82
CA LYS A 253 -25.58 -1.22 27.43
C LYS A 253 -26.14 0.16 27.10
N LEU A 254 -26.62 0.37 25.88
CA LEU A 254 -27.21 1.64 25.51
C LEU A 254 -28.50 1.91 26.27
N MET A 255 -29.27 0.87 26.57
CA MET A 255 -30.50 1.05 27.34
C MET A 255 -30.22 1.69 28.70
N LYS A 256 -29.09 1.38 29.31
CA LYS A 256 -28.66 2.09 30.51
C LYS A 256 -28.04 3.44 30.20
N ALA A 257 -27.34 3.55 29.06
CA ALA A 257 -26.76 4.84 28.69
C ALA A 257 -27.84 5.88 28.38
N TYR A 258 -28.89 5.47 27.66
CA TYR A 258 -29.97 6.37 27.26
C TYR A 258 -31.29 5.78 27.74
N PRO A 259 -31.66 6.01 28.99
CA PRO A 259 -32.89 5.41 29.53
C PRO A 259 -34.13 5.97 28.85
N SER A 260 -35.15 5.12 28.74
CA SER A 260 -36.50 5.42 28.25
C SER A 260 -36.53 5.70 26.75
N HIS A 261 -35.44 5.50 26.01
CA HIS A 261 -35.43 5.77 24.58
C HIS A 261 -35.23 4.52 23.74
N ILE A 262 -34.81 3.40 24.32
CA ILE A 262 -34.53 2.18 23.59
C ILE A 262 -35.41 1.06 24.16
N SER A 263 -36.09 0.34 23.26
CA SER A 263 -36.92 -0.78 23.65
C SER A 263 -36.05 -1.98 24.02
N PRO A 264 -36.51 -2.79 24.99
CA PRO A 264 -35.70 -3.94 25.41
C PRO A 264 -35.38 -4.93 24.31
N THR A 265 -36.29 -5.11 23.35
CA THR A 265 -36.09 -6.06 22.25
C THR A 265 -36.30 -5.42 20.88
N GLY A 266 -35.89 -4.17 20.70
CA GLY A 266 -36.11 -3.47 19.45
C GLY A 266 -34.81 -3.07 18.80
N CYS A 267 -34.96 -2.34 17.69
CA CYS A 267 -33.80 -1.87 16.94
C CYS A 267 -33.13 -0.71 17.65
N LEU A 268 -31.85 -0.52 17.36
CA LEU A 268 -31.11 0.59 17.94
C LEU A 268 -31.42 1.89 17.19
N PRO A 269 -31.63 3.00 17.90
CA PRO A 269 -31.84 4.28 17.21
C PRO A 269 -30.63 4.64 16.37
N ALA A 270 -30.90 5.30 15.24
CA ALA A 270 -29.86 5.48 14.22
C ALA A 270 -28.80 6.48 14.66
N HIS A 271 -29.19 7.50 15.44
CA HIS A 271 -28.28 8.58 15.74
C HIS A 271 -27.40 8.32 16.96
N LEU A 272 -27.60 7.21 17.66
CA LEU A 272 -26.88 6.93 18.90
C LEU A 272 -25.65 6.04 18.70
N LEU A 273 -25.34 5.63 17.48
CA LEU A 273 -24.30 4.63 17.23
C LEU A 273 -22.96 5.29 16.90
N GLY A 274 -22.57 6.25 17.73
CA GLY A 274 -21.27 6.87 17.60
C GLY A 274 -21.13 7.89 16.50
N ASP A 275 -21.14 7.44 15.24
CA ASP A 275 -20.83 8.30 14.11
C ASP A 275 -22.10 8.89 13.50
N MET A 276 -21.92 9.61 12.39
CA MET A 276 -23.06 10.18 11.68
C MET A 276 -23.95 9.09 11.10
N TRP A 277 -23.35 8.15 10.38
CA TRP A 277 -24.11 7.14 9.64
C TRP A 277 -24.13 5.78 10.31
N GLY A 278 -23.51 5.63 11.48
CA GLY A 278 -23.44 4.34 12.12
C GLY A 278 -22.56 3.36 11.39
N ARG A 279 -21.62 3.84 10.60
CA ARG A 279 -20.75 2.95 9.84
C ARG A 279 -19.86 2.13 10.77
N PHE A 280 -19.29 2.79 11.78
CA PHE A 280 -18.43 2.13 12.76
C PHE A 280 -19.01 2.34 14.15
N TRP A 281 -18.90 1.31 14.98
CA TRP A 281 -19.38 1.37 16.35
C TRP A 281 -18.26 1.59 17.36
N THR A 282 -17.10 2.07 16.93
CA THR A 282 -15.93 2.18 17.78
C THR A 282 -16.18 3.10 18.98
N ASN A 283 -16.81 4.24 18.73
CA ASN A 283 -17.00 5.25 19.76
C ASN A 283 -17.88 4.78 20.90
N LEU A 284 -18.61 3.68 20.74
CA LEU A 284 -19.40 3.11 21.82
C LEU A 284 -18.55 2.39 22.85
N TYR A 285 -17.26 2.17 22.57
CA TYR A 285 -16.45 1.35 23.46
C TYR A 285 -16.43 1.89 24.89
N ASN A 286 -16.41 3.23 25.04
CA ASN A 286 -16.36 3.81 26.36
C ASN A 286 -17.55 3.41 27.22
N LEU A 287 -18.73 3.26 26.60
CA LEU A 287 -19.90 2.81 27.34
C LEU A 287 -20.15 1.32 27.19
N THR A 288 -19.25 0.59 26.53
CA THR A 288 -19.40 -0.83 26.31
C THR A 288 -18.26 -1.67 26.88
N VAL A 289 -17.23 -1.04 27.43
CA VAL A 289 -16.08 -1.76 27.97
C VAL A 289 -16.55 -2.67 29.10
N PRO A 290 -16.18 -3.95 29.08
CA PRO A 290 -16.67 -4.87 30.13
C PRO A 290 -16.30 -4.45 31.54
N LEU A 291 -15.09 -3.93 31.74
CA LEU A 291 -14.61 -3.53 33.06
C LEU A 291 -13.73 -2.30 32.91
N GLU A 292 -14.16 -1.20 33.56
CA GLU A 292 -13.36 0.02 33.50
C GLU A 292 -12.11 -0.08 34.36
N LYS A 293 -12.07 -1.06 35.26
CA LYS A 293 -10.91 -1.24 36.13
C LYS A 293 -9.68 -1.64 35.34
N GLU A 294 -9.84 -2.52 34.35
CA GLU A 294 -8.70 -2.99 33.58
C GLU A 294 -8.16 -1.87 32.70
N PRO A 295 -6.86 -1.57 32.77
CA PRO A 295 -6.29 -0.52 31.92
C PRO A 295 -5.79 -1.05 30.58
N ASN A 296 -6.10 -0.34 29.50
CA ASN A 296 -5.68 -0.76 28.17
C ASN A 296 -4.18 -0.59 27.99
N ILE A 297 -3.63 -1.33 27.03
CA ILE A 297 -2.19 -1.24 26.76
C ILE A 297 -1.90 0.06 26.02
N ASP A 298 -0.88 0.77 26.50
CA ASP A 298 -0.42 2.00 25.86
C ASP A 298 1.08 2.08 26.00
N VAL A 299 1.75 2.34 24.86
CA VAL A 299 3.21 2.36 24.83
C VAL A 299 3.70 3.70 24.29
N THR A 300 2.79 4.66 24.14
CA THR A 300 3.19 5.99 23.71
C THR A 300 4.13 6.62 24.73
N ASP A 301 3.83 6.47 26.02
CA ASP A 301 4.70 6.98 27.06
C ASP A 301 6.07 6.31 27.03
N THR A 302 6.11 5.00 26.80
CA THR A 302 7.40 4.32 26.70
C THR A 302 8.16 4.76 25.46
N MET A 303 7.47 4.96 24.34
CA MET A 303 8.13 5.44 23.13
C MET A 303 8.74 6.81 23.35
N LYS A 304 8.02 7.71 24.02
CA LYS A 304 8.58 9.02 24.33
C LYS A 304 9.73 8.92 25.32
N LYS A 305 9.65 7.99 26.27
CA LYS A 305 10.69 7.84 27.27
C LYS A 305 11.98 7.29 26.68
N GLN A 306 11.89 6.44 25.66
CA GLN A 306 13.06 5.84 25.03
C GLN A 306 13.60 6.69 23.88
N SER A 307 13.04 7.87 23.64
CA SER A 307 13.50 8.80 22.61
C SER A 307 13.41 8.17 21.22
N TRP A 308 12.20 7.82 20.83
CA TRP A 308 11.93 7.33 19.47
C TRP A 308 11.71 8.51 18.53
N ASP A 309 11.87 8.24 17.24
CA ASP A 309 11.66 9.25 16.20
C ASP A 309 10.99 8.58 15.01
N ALA A 310 10.70 9.38 13.98
CA ALA A 310 10.11 8.83 12.77
C ALA A 310 11.04 7.84 12.09
N GLU A 311 12.32 8.17 12.02
CA GLU A 311 13.29 7.27 11.40
C GLU A 311 13.37 5.95 12.16
N LYS A 312 13.36 6.01 13.50
CA LYS A 312 13.42 4.78 14.28
C LYS A 312 12.16 3.93 14.07
N ILE A 313 11.00 4.58 13.99
CA ILE A 313 9.76 3.84 13.77
C ILE A 313 9.81 3.12 12.42
N PHE A 314 10.24 3.82 11.38
CA PHE A 314 10.26 3.19 10.06
C PHE A 314 11.37 2.16 9.93
N LYS A 315 12.50 2.33 10.61
CA LYS A 315 13.52 1.30 10.59
C LYS A 315 13.07 0.07 11.37
N GLU A 316 12.28 0.24 12.45
CA GLU A 316 11.68 -0.91 13.12
C GLU A 316 10.68 -1.62 12.21
N ALA A 317 9.89 -0.87 11.45
CA ALA A 317 8.96 -1.50 10.51
C ALA A 317 9.72 -2.28 9.44
N GLU A 318 10.79 -1.71 8.90
CA GLU A 318 11.61 -2.41 7.91
C GLU A 318 12.24 -3.65 8.51
N LYS A 319 12.68 -3.58 9.76
CA LYS A 319 13.22 -4.75 10.44
C LYS A 319 12.18 -5.84 10.59
N PHE A 320 10.94 -5.47 10.94
CA PHE A 320 9.87 -6.46 11.06
C PHE A 320 9.62 -7.14 9.72
N TYR A 321 9.56 -6.36 8.64
CA TYR A 321 9.29 -6.96 7.34
C TYR A 321 10.47 -7.79 6.85
N SER A 322 11.70 -7.45 7.27
CA SER A 322 12.85 -8.26 6.88
C SER A 322 12.90 -9.56 7.68
N SER A 323 12.36 -9.55 8.90
CA SER A 323 12.38 -10.75 9.73
C SER A 323 11.59 -11.90 9.13
N VAL A 324 10.66 -11.63 8.22
CA VAL A 324 9.87 -12.67 7.57
C VAL A 324 10.33 -12.92 6.14
N GLY A 325 11.51 -12.44 5.77
CA GLY A 325 12.06 -12.75 4.46
C GLY A 325 11.71 -11.81 3.34
N LEU A 326 11.17 -10.64 3.64
CA LEU A 326 10.88 -9.71 2.57
C LEU A 326 12.03 -8.74 2.38
N PRO A 327 12.22 -8.21 1.18
CA PRO A 327 13.38 -7.34 0.93
C PRO A 327 13.29 -6.03 1.69
N ASN A 328 14.45 -5.41 1.87
CA ASN A 328 14.55 -4.12 2.54
C ASN A 328 14.10 -3.00 1.59
N MET A 329 14.18 -1.77 2.07
CA MET A 329 13.78 -0.61 1.29
C MET A 329 14.93 -0.07 0.46
N THR A 330 14.60 0.50 -0.69
CA THR A 330 15.62 1.06 -1.56
C THR A 330 16.19 2.34 -0.95
N PRO A 331 17.43 2.70 -1.30
CA PRO A 331 18.00 3.95 -0.78
C PRO A 331 17.21 5.19 -1.17
N GLY A 332 16.60 5.18 -2.36
CA GLY A 332 15.72 6.25 -2.76
C GLY A 332 14.51 6.40 -1.87
N PHE A 333 14.03 5.30 -1.29
CA PHE A 333 12.94 5.40 -0.32
C PHE A 333 13.34 6.25 0.87
N TRP A 334 14.55 6.05 1.39
CA TRP A 334 15.00 6.80 2.54
C TRP A 334 15.35 8.23 2.19
N ARG A 335 15.95 8.47 1.03
CA ARG A 335 16.35 9.82 0.67
C ARG A 335 15.20 10.69 0.22
N ASP A 336 14.19 10.11 -0.44
CA ASP A 336 13.16 10.89 -1.11
C ASP A 336 11.84 10.98 -0.36
N SER A 337 11.53 10.01 0.50
CA SER A 337 10.24 10.01 1.16
C SER A 337 10.17 11.13 2.22
N MET A 338 8.94 11.56 2.50
CA MET A 338 8.67 12.58 3.52
C MET A 338 8.05 11.87 4.72
N LEU A 339 8.79 11.79 5.82
CA LEU A 339 8.35 11.07 7.00
C LEU A 339 7.94 11.96 8.15
N THR A 340 8.22 13.26 8.08
CA THR A 340 7.80 14.21 9.10
C THR A 340 7.31 15.49 8.43
N GLU A 341 6.50 16.24 9.16
CA GLU A 341 6.00 17.50 8.63
C GLU A 341 7.16 18.48 8.45
N PRO A 342 7.23 19.18 7.33
CA PRO A 342 8.39 20.05 7.06
C PRO A 342 8.49 21.18 8.07
N SER A 343 9.74 21.55 8.38
CA SER A 343 10.01 22.67 9.28
C SER A 343 10.15 23.99 8.54
N ASP A 344 10.09 23.99 7.21
CA ASP A 344 10.20 25.20 6.41
C ASP A 344 8.86 25.89 6.20
N GLY A 345 7.77 25.33 6.73
CA GLY A 345 6.48 25.94 6.58
C GLY A 345 5.78 25.64 5.27
N ARG A 346 6.28 24.68 4.49
CA ARG A 346 5.66 24.35 3.22
C ARG A 346 4.30 23.69 3.45
N GLN A 347 3.36 24.01 2.57
CA GLN A 347 2.02 23.45 2.64
C GLN A 347 2.05 22.01 2.12
N VAL A 348 1.60 21.07 2.95
CA VAL A 348 1.65 19.65 2.64
C VAL A 348 0.29 19.04 2.90
N VAL A 349 -0.15 18.17 1.98
CA VAL A 349 -1.38 17.40 2.17
C VAL A 349 -1.05 16.24 3.09
N CYS A 350 -1.24 16.42 4.40
CA CYS A 350 -0.83 15.41 5.38
C CYS A 350 -1.90 14.33 5.47
N HIS A 351 -1.75 13.32 4.62
CA HIS A 351 -2.52 12.08 4.69
C HIS A 351 -1.57 10.93 4.41
N PRO A 352 -1.55 9.90 5.25
CA PRO A 352 -0.59 8.81 5.05
C PRO A 352 -0.84 8.06 3.74
N THR A 353 0.15 8.07 2.84
CA THR A 353 0.00 7.43 1.54
C THR A 353 1.30 6.72 1.16
N ALA A 354 1.16 5.66 0.38
CA ALA A 354 2.30 4.97 -0.21
C ALA A 354 2.29 5.17 -1.72
N TRP A 355 3.46 5.45 -2.28
CA TRP A 355 3.60 5.84 -3.67
C TRP A 355 4.52 4.87 -4.40
N ASP A 356 4.04 4.37 -5.53
CA ASP A 356 4.86 3.60 -6.48
C ASP A 356 4.93 4.45 -7.75
N LEU A 357 5.97 5.26 -7.85
CA LEU A 357 6.04 6.27 -8.91
C LEU A 357 6.46 5.69 -10.26
N GLY A 358 6.82 4.41 -10.34
CA GLY A 358 7.31 3.90 -11.59
C GLY A 358 8.67 3.24 -11.53
N LYS A 359 9.68 3.88 -12.14
CA LYS A 359 10.97 3.25 -12.41
C LYS A 359 11.71 2.96 -11.11
N ASN A 360 11.26 1.91 -10.42
CA ASN A 360 11.87 1.46 -9.17
C ASN A 360 11.92 2.58 -8.15
N ASP A 361 10.84 3.33 -8.03
CA ASP A 361 10.77 4.52 -7.18
C ASP A 361 9.60 4.38 -6.23
N PHE A 362 9.89 3.99 -4.98
CA PHE A 362 8.87 3.77 -3.96
C PHE A 362 9.07 4.78 -2.84
N ARG A 363 7.99 5.44 -2.42
CA ARG A 363 8.07 6.49 -1.42
C ARG A 363 6.87 6.39 -0.49
N ILE A 364 6.97 7.07 0.66
CA ILE A 364 5.90 7.15 1.63
C ILE A 364 5.73 8.60 2.07
N LYS A 365 4.49 9.08 2.05
CA LYS A 365 4.18 10.44 2.46
C LYS A 365 3.29 10.39 3.69
N MET A 366 3.86 10.65 4.86
CA MET A 366 3.07 10.78 6.08
C MET A 366 3.87 11.59 7.10
N CYS A 367 3.15 12.36 7.89
CA CYS A 367 3.74 13.26 8.88
C CYS A 367 3.56 12.61 10.23
N THR A 368 4.53 11.77 10.61
CA THR A 368 4.38 10.89 11.77
C THR A 368 4.68 11.64 13.07
N LYS A 369 4.18 11.06 14.15
CA LYS A 369 4.48 11.50 15.51
C LYS A 369 4.89 10.28 16.31
N VAL A 370 5.33 10.50 17.55
CA VAL A 370 5.72 9.39 18.40
C VAL A 370 4.50 8.89 19.16
N THR A 371 3.72 8.02 18.53
CA THR A 371 2.53 7.44 19.11
C THR A 371 2.40 6.00 18.64
N MET A 372 1.43 5.28 19.22
CA MET A 372 1.18 3.90 18.81
C MET A 372 0.42 3.82 17.49
N ASP A 373 -0.50 4.76 17.25
CA ASP A 373 -1.26 4.76 16.01
C ASP A 373 -0.35 4.97 14.81
N ASP A 374 0.60 5.91 14.92
CA ASP A 374 1.59 6.09 13.87
C ASP A 374 2.49 4.87 13.74
N PHE A 375 2.78 4.20 14.85
CA PHE A 375 3.58 2.98 14.81
C PHE A 375 2.89 1.90 13.98
N LEU A 376 1.56 1.81 14.10
CA LEU A 376 0.83 0.81 13.31
C LEU A 376 0.66 1.26 11.85
N THR A 377 0.43 2.55 11.63
CA THR A 377 0.26 3.02 10.25
C THR A 377 1.55 2.91 9.46
N ALA A 378 2.70 3.01 10.13
CA ALA A 378 3.97 2.78 9.43
C ALA A 378 4.03 1.37 8.86
N HIS A 379 3.63 0.38 9.67
CA HIS A 379 3.61 -1.00 9.19
C HIS A 379 2.59 -1.18 8.07
N HIS A 380 1.44 -0.51 8.18
CA HIS A 380 0.44 -0.59 7.12
C HIS A 380 0.98 -0.08 5.79
N GLU A 381 1.59 1.11 5.82
CA GLU A 381 2.12 1.70 4.59
C GLU A 381 3.29 0.90 4.04
N MET A 382 4.13 0.33 4.91
CA MET A 382 5.21 -0.51 4.42
C MET A 382 4.69 -1.81 3.84
N GLY A 383 3.56 -2.32 4.34
CA GLY A 383 2.94 -3.47 3.70
C GLY A 383 2.45 -3.14 2.31
N HIS A 384 1.87 -1.95 2.14
CA HIS A 384 1.54 -1.48 0.79
C HIS A 384 2.77 -1.41 -0.09
N ILE A 385 3.87 -0.89 0.44
CA ILE A 385 5.11 -0.74 -0.35
C ILE A 385 5.67 -2.11 -0.72
N GLN A 386 5.64 -3.08 0.20
CA GLN A 386 6.13 -4.41 -0.10
C GLN A 386 5.28 -5.09 -1.17
N TYR A 387 3.97 -4.91 -1.11
CA TYR A 387 3.12 -5.44 -2.17
C TYR A 387 3.47 -4.80 -3.52
N ASP A 388 3.70 -3.49 -3.53
CA ASP A 388 4.08 -2.82 -4.77
C ASP A 388 5.41 -3.35 -5.29
N MET A 389 6.38 -3.58 -4.39
CA MET A 389 7.69 -4.05 -4.81
C MET A 389 7.64 -5.49 -5.32
N ALA A 390 6.65 -6.27 -4.85
CA ALA A 390 6.61 -7.69 -5.19
C ALA A 390 6.41 -7.91 -6.69
N TYR A 391 5.40 -7.27 -7.29
CA TYR A 391 5.08 -7.48 -8.69
C TYR A 391 5.68 -6.42 -9.60
N ALA A 392 6.85 -5.89 -9.25
CA ALA A 392 7.43 -4.78 -9.99
C ALA A 392 7.86 -5.16 -11.39
N ASN A 393 8.01 -6.45 -11.69
CA ASN A 393 8.46 -6.89 -13.00
C ASN A 393 7.31 -7.31 -13.92
N GLN A 394 6.07 -7.09 -13.49
CA GLN A 394 4.93 -7.40 -14.34
C GLN A 394 4.78 -6.35 -15.44
N SER A 395 3.92 -6.65 -16.41
CA SER A 395 3.61 -5.67 -17.45
C SER A 395 2.87 -4.49 -16.84
N TYR A 396 2.86 -3.36 -17.56
CA TYR A 396 2.38 -2.12 -16.96
C TYR A 396 0.94 -2.22 -16.49
N LEU A 397 0.06 -2.78 -17.33
CA LEU A 397 -1.34 -2.85 -16.97
C LEU A 397 -1.63 -3.89 -15.91
N LEU A 398 -0.70 -4.78 -15.61
CA LEU A 398 -0.90 -5.89 -14.67
C LEU A 398 -0.21 -5.67 -13.34
N ARG A 399 0.18 -4.43 -13.03
CA ARG A 399 0.79 -4.11 -11.73
C ARG A 399 -0.27 -3.54 -10.79
N ASN A 400 -1.13 -4.42 -10.32
CA ASN A 400 -2.12 -4.08 -9.29
C ASN A 400 -2.37 -5.32 -8.45
N GLY A 401 -3.20 -5.17 -7.44
CA GLY A 401 -3.63 -6.32 -6.68
C GLY A 401 -4.51 -7.23 -7.50
N ALA A 402 -4.74 -8.44 -6.99
CA ALA A 402 -5.54 -9.41 -7.72
C ALA A 402 -6.94 -8.89 -7.97
N ASN A 403 -7.54 -8.25 -6.96
CA ASN A 403 -8.75 -7.47 -7.15
C ASN A 403 -8.67 -6.26 -6.21
N GLU A 404 -9.81 -5.57 -6.05
CA GLU A 404 -9.80 -4.29 -5.34
C GLU A 404 -9.63 -4.44 -3.85
N GLY A 405 -9.79 -5.64 -3.30
CA GLY A 405 -9.68 -5.82 -1.85
C GLY A 405 -8.38 -6.40 -1.37
N PHE A 406 -7.48 -6.76 -2.30
CA PHE A 406 -6.26 -7.48 -1.93
C PHE A 406 -5.24 -6.57 -1.24
N HIS A 407 -5.05 -5.36 -1.77
CA HIS A 407 -4.04 -4.46 -1.23
C HIS A 407 -4.29 -4.11 0.23
N GLU A 408 -5.52 -3.69 0.55
CA GLU A 408 -5.86 -3.33 1.92
C GLU A 408 -5.88 -4.53 2.86
N ALA A 409 -6.32 -5.70 2.39
CA ALA A 409 -6.24 -6.90 3.22
C ALA A 409 -4.80 -7.25 3.55
N VAL A 410 -3.91 -7.16 2.58
CA VAL A 410 -2.50 -7.41 2.84
C VAL A 410 -1.93 -6.38 3.82
N GLY A 411 -2.32 -5.11 3.66
CA GLY A 411 -1.87 -4.10 4.60
C GLY A 411 -2.33 -4.36 6.01
N GLU A 412 -3.60 -4.75 6.18
CA GLU A 412 -4.18 -4.88 7.51
C GLU A 412 -3.74 -6.17 8.20
N VAL A 413 -3.41 -7.21 7.41
CA VAL A 413 -2.98 -8.46 8.02
C VAL A 413 -1.63 -8.31 8.72
N MET A 414 -0.89 -7.24 8.44
CA MET A 414 0.36 -6.99 9.16
C MET A 414 0.12 -6.24 10.45
N SER A 415 -0.75 -5.22 10.41
CA SER A 415 -1.12 -4.52 11.63
C SER A 415 -1.85 -5.45 12.61
N LEU A 416 -2.47 -6.51 12.10
CA LEU A 416 -3.02 -7.52 13.00
C LEU A 416 -1.94 -8.16 13.85
N SER A 417 -0.80 -8.51 13.24
CA SER A 417 0.28 -9.16 13.96
C SER A 417 1.09 -8.19 14.81
N VAL A 418 1.25 -6.95 14.35
CA VAL A 418 2.08 -5.99 15.07
C VAL A 418 1.45 -5.60 16.41
N ALA A 419 0.13 -5.43 16.46
CA ALA A 419 -0.53 -4.89 17.65
C ALA A 419 -0.52 -5.84 18.83
N THR A 420 -0.13 -7.10 18.63
CA THR A 420 -0.18 -8.08 19.72
C THR A 420 0.81 -7.71 20.82
N PRO A 421 0.45 -7.92 22.09
CA PRO A 421 1.41 -7.67 23.17
C PRO A 421 2.63 -8.56 23.12
N LYS A 422 2.56 -9.70 22.45
CA LYS A 422 3.75 -10.54 22.29
C LYS A 422 4.82 -9.83 21.47
N HIS A 423 4.42 -9.19 20.37
CA HIS A 423 5.37 -8.45 19.54
C HIS A 423 5.95 -7.27 20.30
N LEU A 424 5.11 -6.52 21.00
CA LEU A 424 5.57 -5.37 21.75
C LEU A 424 6.52 -5.78 22.88
N LYS A 425 6.20 -6.88 23.56
CA LYS A 425 7.08 -7.38 24.60
C LYS A 425 8.41 -7.84 24.04
N GLY A 426 8.39 -8.50 22.87
CA GLY A 426 9.63 -8.90 22.23
C GLY A 426 10.48 -7.72 21.83
N MET A 427 9.85 -6.67 21.32
CA MET A 427 10.58 -5.45 20.98
C MET A 427 11.10 -4.76 22.22
N GLY A 428 10.45 -4.97 23.36
CA GLY A 428 10.77 -4.25 24.57
C GLY A 428 9.95 -3.01 24.82
N LEU A 429 8.92 -2.76 24.02
CA LEU A 429 8.11 -1.56 24.16
C LEU A 429 7.23 -1.58 25.40
N LEU A 430 6.99 -2.75 25.98
CA LEU A 430 6.33 -2.86 27.28
C LEU A 430 7.10 -3.86 28.13
N PRO A 431 7.04 -3.71 29.47
CA PRO A 431 7.90 -4.54 30.32
C PRO A 431 7.61 -6.02 30.17
N SER A 432 8.67 -6.83 30.27
CA SER A 432 8.53 -8.28 30.12
C SER A 432 7.69 -8.88 31.23
N ASP A 433 7.56 -8.19 32.36
CA ASP A 433 6.74 -8.63 33.47
C ASP A 433 5.26 -8.32 33.26
N PHE A 434 4.88 -7.96 32.03
CA PHE A 434 3.48 -7.67 31.74
C PHE A 434 2.63 -8.92 31.93
N SER A 435 1.49 -8.75 32.60
CA SER A 435 0.60 -9.86 32.93
C SER A 435 -0.59 -9.85 31.99
N GLU A 436 -0.84 -10.97 31.33
CA GLU A 436 -1.93 -11.12 30.38
C GLU A 436 -2.99 -12.01 30.99
N ASN A 437 -4.17 -11.43 31.26
CA ASN A 437 -5.31 -12.15 31.81
C ASN A 437 -6.45 -12.07 30.80
N ASN A 438 -7.46 -12.92 31.00
CA ASN A 438 -8.54 -13.04 30.02
C ASN A 438 -9.36 -11.76 29.90
N GLU A 439 -9.35 -10.91 30.93
CA GLU A 439 -10.10 -9.66 30.85
C GLU A 439 -9.56 -8.77 29.74
N THR A 440 -8.23 -8.66 29.63
CA THR A 440 -7.63 -7.85 28.58
C THR A 440 -7.92 -8.44 27.20
N GLU A 441 -7.89 -9.78 27.10
CA GLU A 441 -8.19 -10.41 25.82
C GLU A 441 -9.62 -10.13 25.39
N ILE A 442 -10.56 -10.19 26.34
CA ILE A 442 -11.95 -9.89 26.04
C ILE A 442 -12.12 -8.43 25.63
N ASN A 443 -11.46 -7.50 26.33
CA ASN A 443 -11.56 -6.09 25.95
C ASN A 443 -11.00 -5.83 24.56
N PHE A 444 -9.84 -6.42 24.26
CA PHE A 444 -9.23 -6.27 22.94
C PHE A 444 -10.13 -6.83 21.84
N LEU A 445 -10.66 -8.04 22.05
CA LEU A 445 -11.56 -8.63 21.07
C LEU A 445 -12.82 -7.80 20.89
N LEU A 446 -13.38 -7.28 21.98
CA LEU A 446 -14.60 -6.48 21.88
C LEU A 446 -14.36 -5.19 21.10
N LYS A 447 -13.23 -4.53 21.36
CA LYS A 447 -12.92 -3.31 20.61
C LYS A 447 -12.74 -3.60 19.12
N GLN A 448 -12.03 -4.69 18.80
CA GLN A 448 -11.86 -5.05 17.40
C GLN A 448 -13.19 -5.41 16.75
N ALA A 449 -14.06 -6.11 17.46
CA ALA A 449 -15.38 -6.45 16.91
C ALA A 449 -16.21 -5.20 16.68
N LEU A 450 -16.15 -4.24 17.60
CA LEU A 450 -16.83 -2.97 17.37
C LEU A 450 -16.32 -2.30 16.10
N THR A 451 -15.00 -2.32 15.89
CA THR A 451 -14.46 -1.69 14.68
C THR A 451 -14.75 -2.51 13.43
N ILE A 452 -14.69 -3.85 13.53
CA ILE A 452 -14.70 -4.71 12.35
C ILE A 452 -16.07 -5.30 12.08
N VAL A 453 -16.62 -6.04 13.05
CA VAL A 453 -17.88 -6.74 12.83
C VAL A 453 -19.03 -5.75 12.67
N GLY A 454 -18.99 -4.64 13.38
CA GLY A 454 -20.08 -3.69 13.37
C GLY A 454 -20.29 -2.94 12.08
N THR A 455 -19.39 -3.06 11.11
CA THR A 455 -19.52 -2.35 9.85
C THR A 455 -19.91 -3.25 8.68
N LEU A 456 -19.85 -4.57 8.84
CA LEU A 456 -20.20 -5.46 7.73
C LEU A 456 -21.67 -5.36 7.32
N PRO A 457 -22.64 -5.37 8.23
CA PRO A 457 -24.04 -5.20 7.78
C PRO A 457 -24.30 -3.88 7.08
N PHE A 458 -23.66 -2.80 7.53
CA PHE A 458 -23.83 -1.51 6.88
C PHE A 458 -23.36 -1.55 5.43
N THR A 459 -22.16 -2.08 5.20
CA THR A 459 -21.63 -2.19 3.84
C THR A 459 -22.51 -3.10 2.99
N TYR A 460 -22.91 -4.24 3.54
CA TYR A 460 -23.72 -5.19 2.79
C TYR A 460 -25.04 -4.56 2.36
N MET A 461 -25.75 -3.92 3.28
CA MET A 461 -27.04 -3.36 2.94
C MET A 461 -26.92 -2.15 2.02
N LEU A 462 -25.86 -1.33 2.17
CA LEU A 462 -25.71 -0.20 1.27
C LEU A 462 -25.47 -0.67 -0.16
N GLU A 463 -24.57 -1.64 -0.35
CA GLU A 463 -24.33 -2.12 -1.71
C GLU A 463 -25.55 -2.84 -2.27
N LYS A 464 -26.29 -3.56 -1.42
CA LYS A 464 -27.50 -4.21 -1.88
C LYS A 464 -28.54 -3.20 -2.35
N TRP A 465 -28.71 -2.11 -1.60
CA TRP A 465 -29.65 -1.06 -1.99
C TRP A 465 -29.23 -0.41 -3.29
N ARG A 466 -27.94 -0.11 -3.44
CA ARG A 466 -27.47 0.50 -4.67
C ARG A 466 -27.69 -0.42 -5.86
N TRP A 467 -27.40 -1.71 -5.69
CA TRP A 467 -27.62 -2.66 -6.78
C TRP A 467 -29.08 -2.74 -7.16
N MET A 468 -29.98 -2.77 -6.17
CA MET A 468 -31.41 -2.82 -6.47
C MET A 468 -31.90 -1.54 -7.13
N VAL A 469 -31.34 -0.39 -6.74
CA VAL A 469 -31.74 0.88 -7.33
C VAL A 469 -31.28 0.98 -8.78
N PHE A 470 -30.03 0.64 -9.04
CA PHE A 470 -29.52 0.69 -10.41
C PHE A 470 -30.21 -0.33 -11.30
N GLU A 471 -30.46 -1.54 -10.77
CA GLU A 471 -31.13 -2.57 -11.56
C GLU A 471 -32.55 -2.17 -11.90
N GLY A 472 -33.24 -1.51 -11.00
CA GLY A 472 -34.61 -1.10 -11.20
C GLY A 472 -35.64 -1.80 -10.35
N LYS A 473 -35.23 -2.56 -9.34
CA LYS A 473 -36.18 -3.25 -8.47
C LYS A 473 -36.78 -2.32 -7.42
N ILE A 474 -36.18 -1.16 -7.20
CA ILE A 474 -36.72 -0.16 -6.29
C ILE A 474 -37.17 1.03 -7.14
N PRO A 475 -38.46 1.21 -7.37
CA PRO A 475 -38.92 2.37 -8.14
C PRO A 475 -38.64 3.66 -7.40
N LYS A 476 -38.53 4.74 -8.17
CA LYS A 476 -38.14 6.03 -7.61
C LYS A 476 -39.12 6.54 -6.56
N GLU A 477 -40.34 6.02 -6.54
CA GLU A 477 -41.34 6.43 -5.58
C GLU A 477 -41.17 5.78 -4.21
N GLN A 478 -40.29 4.79 -4.08
CA GLN A 478 -40.09 4.11 -2.81
C GLN A 478 -38.61 3.84 -2.56
N TRP A 479 -37.76 4.85 -2.81
CA TRP A 479 -36.35 4.71 -2.48
C TRP A 479 -36.13 4.69 -0.98
N MET A 480 -36.76 5.62 -0.25
CA MET A 480 -36.62 5.64 1.20
C MET A 480 -37.42 4.55 1.89
N GLU A 481 -38.64 4.30 1.41
CA GLU A 481 -39.49 3.28 2.04
C GLU A 481 -38.78 1.93 2.10
N LYS A 482 -38.06 1.58 1.04
CA LYS A 482 -37.24 0.37 1.07
C LYS A 482 -35.98 0.55 1.90
N TRP A 483 -35.30 1.70 1.78
CA TRP A 483 -34.02 1.89 2.43
C TRP A 483 -34.12 1.62 3.92
N TRP A 484 -34.93 2.43 4.62
CA TRP A 484 -35.12 2.21 6.04
C TRP A 484 -35.69 0.83 6.34
N GLU A 485 -36.52 0.29 5.46
CA GLU A 485 -36.99 -1.08 5.65
C GLU A 485 -35.82 -2.04 5.75
N MET A 486 -34.89 -1.98 4.80
CA MET A 486 -33.71 -2.83 4.89
C MET A 486 -32.91 -2.51 6.15
N LYS A 487 -32.87 -1.23 6.54
CA LYS A 487 -32.13 -0.84 7.73
C LYS A 487 -32.67 -1.53 8.97
N ARG A 488 -33.93 -1.96 8.94
CA ARG A 488 -34.49 -2.62 10.11
C ARG A 488 -34.32 -4.13 10.03
N GLU A 489 -34.09 -4.67 8.83
CA GLU A 489 -34.05 -6.13 8.69
C GLU A 489 -32.62 -6.64 8.63
N ILE A 490 -31.70 -5.86 8.07
CA ILE A 490 -30.32 -6.30 7.93
C ILE A 490 -29.44 -5.75 9.06
N VAL A 491 -29.53 -4.46 9.33
CA VAL A 491 -28.64 -3.80 10.29
C VAL A 491 -29.28 -3.79 11.67
N GLY A 492 -30.61 -3.83 11.71
CA GLY A 492 -31.32 -3.71 12.97
C GLY A 492 -31.33 -2.31 13.55
N VAL A 493 -31.45 -1.29 12.71
CA VAL A 493 -31.39 0.11 13.13
C VAL A 493 -32.66 0.82 12.72
N VAL A 494 -33.27 1.56 13.64
CA VAL A 494 -34.53 2.25 13.43
C VAL A 494 -34.25 3.75 13.35
N GLU A 495 -34.90 4.43 12.41
CA GLU A 495 -34.72 5.86 12.28
C GLU A 495 -35.45 6.58 13.41
N PRO A 496 -34.89 7.69 13.91
CA PRO A 496 -35.58 8.44 14.96
C PRO A 496 -36.79 9.23 14.46
N LEU A 497 -36.78 9.67 13.20
CA LEU A 497 -37.85 10.48 12.65
C LEU A 497 -38.25 9.93 11.28
N PRO A 498 -39.53 9.97 10.93
CA PRO A 498 -39.95 9.47 9.62
C PRO A 498 -39.44 10.34 8.50
N HIS A 499 -38.99 9.70 7.41
CA HIS A 499 -38.45 10.39 6.26
C HIS A 499 -39.28 10.09 5.03
N ASP A 500 -39.70 11.13 4.34
CA ASP A 500 -40.53 11.03 3.15
C ASP A 500 -39.65 10.82 1.93
N GLU A 501 -40.24 10.94 0.75
CA GLU A 501 -39.52 10.77 -0.50
C GLU A 501 -38.81 12.03 -0.97
N THR A 502 -38.91 13.12 -0.23
CA THR A 502 -38.09 14.29 -0.49
C THR A 502 -36.67 14.13 0.04
N TYR A 503 -36.39 13.07 0.79
CA TYR A 503 -35.09 12.82 1.37
C TYR A 503 -34.31 11.81 0.54
N CYS A 504 -32.99 11.95 0.55
CA CYS A 504 -32.07 10.93 0.05
C CYS A 504 -31.00 10.73 1.13
N ASP A 505 -31.30 9.88 2.10
CA ASP A 505 -30.37 9.60 3.20
C ASP A 505 -29.08 8.91 2.74
N PRO A 506 -29.12 7.86 1.91
CA PRO A 506 -27.85 7.24 1.48
C PRO A 506 -26.94 8.18 0.74
N ALA A 507 -27.46 9.13 -0.01
CA ALA A 507 -26.63 10.12 -0.70
C ALA A 507 -25.89 11.03 0.27
N SER A 508 -26.26 11.03 1.55
CA SER A 508 -25.54 11.84 2.53
C SER A 508 -24.15 11.30 2.82
N LEU A 509 -23.84 10.08 2.40
CA LEU A 509 -22.55 9.47 2.65
C LEU A 509 -21.54 9.93 1.60
N PHE A 510 -20.26 9.88 1.95
CA PHE A 510 -19.22 10.31 1.03
C PHE A 510 -19.18 9.43 -0.22
N HIS A 511 -19.15 8.11 -0.04
CA HIS A 511 -18.96 7.21 -1.16
C HIS A 511 -20.15 7.19 -2.10
N VAL A 512 -21.31 7.68 -1.66
CA VAL A 512 -22.51 7.67 -2.51
C VAL A 512 -22.60 8.92 -3.36
N ALA A 513 -22.36 10.10 -2.76
CA ALA A 513 -22.39 11.33 -3.54
C ALA A 513 -21.17 11.45 -4.44
N ASN A 514 -20.05 10.85 -4.04
CA ASN A 514 -18.80 10.94 -4.79
C ASN A 514 -18.56 9.74 -5.70
N ASP A 515 -19.58 8.89 -5.88
CA ASP A 515 -19.55 7.83 -6.90
C ASP A 515 -18.39 6.86 -6.68
N TYR A 516 -18.42 6.17 -5.55
CA TYR A 516 -17.42 5.16 -5.21
C TYR A 516 -18.09 3.82 -4.94
N SER A 517 -17.42 2.74 -5.32
CA SER A 517 -17.88 1.41 -4.96
C SER A 517 -17.65 1.16 -3.48
N PHE A 518 -18.58 0.45 -2.85
CA PHE A 518 -18.52 0.23 -1.41
C PHE A 518 -18.28 -1.21 -1.01
N ILE A 519 -18.31 -2.15 -1.96
CA ILE A 519 -18.13 -3.55 -1.61
C ILE A 519 -16.68 -3.88 -1.29
N ARG A 520 -15.75 -2.98 -1.64
CA ARG A 520 -14.33 -3.21 -1.35
C ARG A 520 -14.11 -3.52 0.12
N TYR A 521 -14.88 -2.87 1.00
CA TYR A 521 -14.72 -3.03 2.43
C TYR A 521 -15.38 -4.28 2.97
N PHE A 522 -16.24 -4.94 2.20
CA PHE A 522 -16.83 -6.19 2.67
C PHE A 522 -15.89 -7.35 2.40
N THR A 523 -15.29 -7.40 1.20
CA THR A 523 -14.38 -8.47 0.86
C THR A 523 -13.03 -8.35 1.54
N ARG A 524 -12.48 -7.14 1.65
CA ARG A 524 -11.15 -6.95 2.21
C ARG A 524 -11.09 -7.34 3.68
N THR A 525 -12.22 -7.45 4.37
CA THR A 525 -12.22 -8.05 5.69
C THR A 525 -12.25 -9.56 5.60
N ILE A 526 -13.12 -10.11 4.75
CA ILE A 526 -13.25 -11.55 4.60
C ILE A 526 -11.92 -12.17 4.18
N LEU A 527 -11.24 -11.53 3.22
CA LEU A 527 -9.90 -11.99 2.83
C LEU A 527 -8.91 -11.85 3.97
N GLU A 528 -8.99 -10.74 4.73
CA GLU A 528 -7.96 -10.40 5.69
C GLU A 528 -7.66 -11.56 6.64
N PHE A 529 -8.67 -11.98 7.40
CA PHE A 529 -8.48 -13.10 8.32
C PHE A 529 -8.16 -14.39 7.58
N GLN A 530 -8.71 -14.57 6.38
CA GLN A 530 -8.38 -15.73 5.58
C GLN A 530 -6.89 -15.79 5.29
N PHE A 531 -6.25 -14.63 5.13
CA PHE A 531 -4.80 -14.61 5.04
C PHE A 531 -4.16 -14.93 6.37
N GLN A 532 -4.64 -14.30 7.45
CA GLN A 532 -3.95 -14.39 8.74
C GLN A 532 -3.88 -15.82 9.23
N GLU A 533 -4.99 -16.55 9.19
CA GLU A 533 -4.97 -17.96 9.57
C GLU A 533 -3.97 -18.74 8.73
N ALA A 534 -3.95 -18.50 7.43
CA ALA A 534 -2.99 -19.19 6.57
C ALA A 534 -1.55 -18.88 6.97
N LEU A 535 -1.31 -17.67 7.47
CA LEU A 535 0.02 -17.29 7.93
C LEU A 535 0.30 -17.74 9.35
N CYS A 536 -0.72 -18.16 10.11
CA CYS A 536 -0.51 -18.67 11.45
C CYS A 536 -0.47 -20.18 11.52
N ARG A 537 -1.03 -20.88 10.53
CA ARG A 537 -0.83 -22.31 10.39
C ARG A 537 0.54 -22.66 9.85
N THR A 538 1.08 -21.83 8.95
CA THR A 538 2.44 -22.03 8.42
C THR A 538 3.51 -21.71 9.45
N ALA A 539 3.26 -20.72 10.31
CA ALA A 539 4.19 -20.34 11.37
C ALA A 539 4.12 -21.28 12.57
N LYS A 540 3.25 -22.28 12.53
CA LYS A 540 3.10 -23.27 13.61
C LYS A 540 2.77 -22.58 14.93
N HIS A 541 1.66 -21.86 14.91
CA HIS A 541 1.17 -21.12 16.06
C HIS A 541 0.29 -22.03 16.92
N GLN A 542 0.43 -21.90 18.24
CA GLN A 542 -0.34 -22.71 19.19
C GLN A 542 -1.19 -21.80 20.05
N GLY A 543 -2.47 -22.16 20.19
CA GLY A 543 -3.39 -21.39 21.00
C GLY A 543 -4.38 -20.58 20.19
N PRO A 544 -4.94 -19.54 20.80
CA PRO A 544 -5.92 -18.71 20.09
C PRO A 544 -5.30 -18.00 18.91
N LEU A 545 -6.14 -17.74 17.89
CA LEU A 545 -5.65 -17.10 16.67
C LEU A 545 -5.31 -15.64 16.89
N HIS A 546 -6.01 -14.96 17.80
CA HIS A 546 -5.74 -13.55 18.03
C HIS A 546 -4.42 -13.30 18.75
N LYS A 547 -3.72 -14.35 19.18
CA LYS A 547 -2.43 -14.22 19.82
C LYS A 547 -1.31 -14.67 18.90
N CYS A 548 -1.48 -14.46 17.59
CA CYS A 548 -0.56 -14.97 16.58
C CYS A 548 0.33 -13.85 16.09
N ASP A 549 1.64 -14.10 16.10
CA ASP A 549 2.65 -13.19 15.56
C ASP A 549 3.49 -13.95 14.55
N ILE A 550 3.57 -13.42 13.32
CA ILE A 550 4.30 -14.11 12.25
C ILE A 550 5.76 -13.67 12.16
N SER A 551 6.24 -12.86 13.09
CA SER A 551 7.63 -12.42 13.04
C SER A 551 8.57 -13.61 13.23
N ASN A 552 9.78 -13.47 12.68
CA ASN A 552 10.81 -14.50 12.75
C ASN A 552 10.31 -15.81 12.12
N SER A 553 9.60 -15.69 11.00
CA SER A 553 9.06 -16.86 10.30
C SER A 553 9.23 -16.63 8.80
N THR A 554 10.27 -17.22 8.23
CA THR A 554 10.51 -17.09 6.79
C THR A 554 9.54 -17.93 5.96
N GLU A 555 8.99 -19.01 6.53
CA GLU A 555 8.04 -19.83 5.80
C GLU A 555 6.75 -19.07 5.50
N ALA A 556 6.28 -18.26 6.45
CA ALA A 556 5.09 -17.44 6.20
C ALA A 556 5.36 -16.37 5.15
N GLY A 557 6.52 -15.73 5.22
CA GLY A 557 6.87 -14.74 4.21
C GLY A 557 7.02 -15.33 2.82
N LYS A 558 7.50 -16.57 2.73
CA LYS A 558 7.62 -17.23 1.44
C LYS A 558 6.26 -17.41 0.78
N LYS A 559 5.30 -17.97 1.51
CA LYS A 559 3.99 -18.21 0.93
C LYS A 559 3.20 -16.93 0.77
N LEU A 560 3.56 -15.87 1.51
CA LEU A 560 2.97 -14.56 1.26
C LEU A 560 3.48 -13.97 -0.05
N ASN A 561 4.80 -14.01 -0.26
CA ASN A 561 5.36 -13.43 -1.47
C ASN A 561 5.00 -14.26 -2.71
N ASP A 562 4.68 -15.54 -2.51
CA ASP A 562 4.17 -16.32 -3.63
C ASP A 562 2.87 -15.73 -4.18
N MET A 563 1.98 -15.26 -3.30
CA MET A 563 0.76 -14.59 -3.72
C MET A 563 1.01 -13.16 -4.17
N LEU A 564 1.91 -12.43 -3.50
CA LEU A 564 2.15 -11.03 -3.82
C LEU A 564 2.81 -10.84 -5.18
N LYS A 565 3.60 -11.80 -5.63
CA LYS A 565 4.36 -11.63 -6.86
C LYS A 565 3.49 -11.73 -8.11
N LEU A 566 2.29 -12.29 -8.00
CA LEU A 566 1.47 -12.56 -9.17
C LEU A 566 0.91 -11.28 -9.78
N GLY A 567 0.63 -10.27 -8.96
CA GLY A 567 0.04 -9.05 -9.49
C GLY A 567 -1.37 -9.33 -9.97
N LYS A 568 -1.68 -8.81 -11.16
CA LYS A 568 -2.99 -9.00 -11.77
C LYS A 568 -2.96 -10.00 -12.93
N SER A 569 -1.90 -10.78 -13.06
CA SER A 569 -1.73 -11.64 -14.22
C SER A 569 -2.54 -12.93 -14.12
N THR A 570 -3.10 -13.24 -12.96
CA THR A 570 -3.80 -14.48 -12.70
C THR A 570 -5.19 -14.19 -12.18
N PRO A 571 -6.12 -15.13 -12.31
CA PRO A 571 -7.42 -14.97 -11.65
C PRO A 571 -7.24 -14.80 -10.16
N TRP A 572 -8.04 -13.91 -9.56
CA TRP A 572 -7.89 -13.66 -8.14
C TRP A 572 -8.20 -14.90 -7.31
N THR A 573 -8.93 -15.87 -7.88
CA THR A 573 -9.13 -17.14 -7.21
C THR A 573 -7.85 -17.95 -7.13
N TYR A 574 -7.05 -17.96 -8.20
CA TYR A 574 -5.76 -18.64 -8.17
C TYR A 574 -4.81 -17.98 -7.19
N ALA A 575 -4.78 -16.64 -7.17
CA ALA A 575 -3.95 -15.93 -6.20
C ALA A 575 -4.42 -16.20 -4.78
N LEU A 576 -5.73 -16.28 -4.57
CA LEU A 576 -6.26 -16.62 -3.25
C LEU A 576 -5.85 -18.02 -2.84
N GLU A 577 -5.87 -18.98 -3.77
CA GLU A 577 -5.47 -20.34 -3.44
C GLU A 577 -3.98 -20.42 -3.15
N LYS A 578 -3.18 -19.55 -3.76
CA LYS A 578 -1.74 -19.59 -3.55
C LYS A 578 -1.36 -19.39 -2.08
N ILE A 579 -2.18 -18.70 -1.31
CA ILE A 579 -1.88 -18.38 0.08
C ILE A 579 -2.86 -19.06 1.04
N ALA A 580 -4.17 -18.94 0.78
CA ALA A 580 -5.17 -19.46 1.69
C ALA A 580 -5.58 -20.89 1.37
N GLU A 581 -5.06 -21.48 0.30
CA GLU A 581 -5.34 -22.86 -0.08
C GLU A 581 -6.82 -23.10 -0.36
N THR A 582 -7.54 -22.06 -0.79
CA THR A 582 -8.94 -22.17 -1.17
C THR A 582 -9.23 -21.18 -2.29
N LYS A 583 -10.18 -21.54 -3.15
CA LYS A 583 -10.63 -20.67 -4.24
C LYS A 583 -11.82 -19.81 -3.85
N GLU A 584 -12.39 -20.00 -2.66
CA GLU A 584 -13.63 -19.35 -2.32
C GLU A 584 -13.47 -18.60 -1.00
N MET A 585 -14.05 -17.41 -0.96
CA MET A 585 -14.03 -16.61 0.25
C MET A 585 -14.96 -17.23 1.28
N ASP A 586 -14.48 -17.33 2.52
CA ASP A 586 -15.21 -17.96 3.60
C ASP A 586 -15.16 -17.07 4.82
N ALA A 587 -16.23 -17.09 5.62
CA ALA A 587 -16.29 -16.34 6.86
C ALA A 587 -15.89 -17.17 8.07
N LYS A 588 -15.55 -18.45 7.89
CA LYS A 588 -15.15 -19.29 9.01
C LYS A 588 -13.89 -18.80 9.72
N PRO A 589 -12.83 -18.37 9.02
CA PRO A 589 -11.69 -17.76 9.75
C PRO A 589 -12.05 -16.54 10.56
N LEU A 590 -12.96 -15.69 10.08
CA LEU A 590 -13.39 -14.51 10.84
C LEU A 590 -14.12 -14.91 12.12
N LEU A 591 -14.97 -15.93 12.04
CA LEU A 591 -15.65 -16.41 13.24
C LEU A 591 -14.68 -17.11 14.18
N ASN A 592 -13.66 -17.78 13.63
CA ASN A 592 -12.67 -18.45 14.46
C ASN A 592 -11.78 -17.45 15.20
N TYR A 593 -11.52 -16.29 14.58
CA TYR A 593 -10.77 -15.24 15.26
C TYR A 593 -11.52 -14.73 16.49
N PHE A 594 -12.83 -14.53 16.37
CA PHE A 594 -13.67 -14.00 17.43
C PHE A 594 -14.38 -15.07 18.24
N ASN A 595 -13.85 -16.28 18.31
CA ASN A 595 -14.49 -17.33 19.08
C ASN A 595 -14.56 -17.03 20.58
N PRO A 596 -13.48 -16.61 21.26
CA PRO A 596 -13.62 -16.33 22.69
C PRO A 596 -14.62 -15.24 23.00
N LEU A 597 -14.65 -14.19 22.18
CA LEU A 597 -15.62 -13.12 22.38
C LEU A 597 -17.04 -13.62 22.19
N PHE A 598 -17.27 -14.46 21.18
CA PHE A 598 -18.61 -14.99 20.97
C PHE A 598 -19.04 -15.85 22.15
N ARG A 599 -18.14 -16.68 22.67
CA ARG A 599 -18.47 -17.54 23.79
C ARG A 599 -18.76 -16.73 25.05
N TRP A 600 -18.02 -15.62 25.25
CA TRP A 600 -18.29 -14.75 26.39
C TRP A 600 -19.60 -14.00 26.22
N LEU A 601 -19.86 -13.52 25.01
CA LEU A 601 -21.07 -12.74 24.73
C LEU A 601 -22.32 -13.60 24.89
N LYS A 602 -22.25 -14.87 24.52
CA LYS A 602 -23.40 -15.75 24.69
C LYS A 602 -23.78 -15.88 26.16
N GLU A 603 -22.77 -16.02 27.04
CA GLU A 603 -23.05 -16.09 28.47
C GLU A 603 -23.59 -14.76 28.99
N GLN A 604 -23.03 -13.64 28.52
CA GLN A 604 -23.47 -12.34 29.00
C GLN A 604 -24.92 -12.04 28.60
N ASN A 605 -25.27 -12.30 27.33
CA ASN A 605 -26.62 -11.99 26.87
C ASN A 605 -27.66 -12.96 27.42
N GLY A 606 -27.34 -14.25 27.46
CA GLY A 606 -28.36 -15.22 27.82
C GLY A 606 -29.35 -15.37 26.68
N ASN A 607 -30.62 -15.11 26.98
CA ASN A 607 -31.71 -15.24 26.02
C ASN A 607 -32.20 -13.90 25.52
N SER A 608 -31.40 -12.85 25.63
CA SER A 608 -31.79 -11.51 25.22
C SER A 608 -31.49 -11.22 23.75
N VAL A 609 -30.89 -12.16 23.03
CA VAL A 609 -30.48 -11.92 21.66
C VAL A 609 -31.71 -11.86 20.75
N GLY A 610 -31.74 -10.86 19.87
CA GLY A 610 -32.84 -10.70 18.94
C GLY A 610 -32.95 -9.29 18.38
N GLN B 33 61.15 -4.73 -7.54
CA GLN B 33 60.57 -3.46 -7.98
C GLN B 33 59.17 -3.26 -7.42
N GLU B 34 58.79 -2.01 -7.20
CA GLU B 34 57.47 -1.69 -6.67
C GLU B 34 56.55 -1.22 -7.79
N CYS B 35 55.28 -0.99 -7.44
CA CYS B 35 54.29 -0.52 -8.39
C CYS B 35 53.62 0.72 -7.83
N ASP B 36 53.17 1.58 -8.74
CA ASP B 36 52.62 2.88 -8.38
C ASP B 36 51.12 2.78 -8.18
N PHE B 37 50.64 3.27 -7.04
CA PHE B 37 49.23 3.48 -6.80
C PHE B 37 48.78 4.88 -7.22
N THR B 38 49.52 5.51 -8.12
CA THR B 38 49.20 6.85 -8.63
C THR B 38 48.01 6.86 -9.58
N PRO B 39 47.80 5.84 -10.43
CA PRO B 39 46.59 5.87 -11.29
C PRO B 39 45.29 5.95 -10.52
N MET B 40 45.24 5.43 -9.29
CA MET B 40 44.05 5.55 -8.46
C MET B 40 44.06 6.79 -7.58
N LEU B 41 45.10 7.61 -7.68
CA LEU B 41 45.19 8.87 -6.95
C LEU B 41 45.08 10.08 -7.86
N THR B 42 44.70 9.89 -9.13
CA THR B 42 44.55 10.98 -10.07
C THR B 42 43.18 10.92 -10.73
N GLY B 43 42.70 12.07 -11.16
CA GLY B 43 41.45 12.15 -11.89
C GLY B 43 40.24 11.98 -10.98
N THR B 44 39.06 11.94 -11.61
CA THR B 44 37.80 11.77 -10.91
C THR B 44 37.43 10.30 -10.82
N PRO B 45 37.24 9.76 -9.63
CA PRO B 45 36.90 8.34 -9.48
C PRO B 45 35.61 8.01 -10.20
N PRO B 46 35.55 6.87 -10.88
CA PRO B 46 34.38 6.56 -11.71
C PRO B 46 33.20 6.13 -10.85
N PRO B 47 31.99 6.20 -11.39
CA PRO B 47 30.83 5.73 -10.63
C PRO B 47 30.85 4.21 -10.46
N ILE B 48 29.97 3.74 -9.58
CA ILE B 48 30.03 2.34 -9.14
C ILE B 48 29.78 1.40 -10.32
N TYR B 49 28.82 1.70 -11.18
CA TYR B 49 28.51 0.83 -12.30
C TYR B 49 29.60 0.83 -13.36
N ASN B 50 30.57 1.74 -13.27
CA ASN B 50 31.67 1.85 -14.22
C ASN B 50 32.99 1.91 -13.46
N PHE B 51 33.13 1.06 -12.45
CA PHE B 51 34.29 1.08 -11.57
C PHE B 51 35.58 0.81 -12.35
N LYS B 52 36.70 1.22 -11.78
CA LYS B 52 37.99 1.05 -12.42
C LYS B 52 38.79 -0.03 -11.72
N ARG B 53 39.40 -0.91 -12.51
CA ARG B 53 40.12 -2.07 -12.01
C ARG B 53 41.61 -1.92 -12.31
N LEU B 54 42.44 -2.14 -11.31
CA LEU B 54 43.88 -2.18 -11.45
C LEU B 54 44.39 -3.56 -11.09
N VAL B 55 45.30 -4.10 -11.90
CA VAL B 55 45.86 -5.43 -11.68
C VAL B 55 47.36 -5.28 -11.51
N PHE B 56 47.90 -5.87 -10.44
CA PHE B 56 49.32 -5.78 -10.12
C PHE B 56 49.89 -7.19 -10.05
N THR B 57 51.02 -7.39 -10.74
CA THR B 57 51.76 -8.64 -10.74
C THR B 57 53.25 -8.35 -10.71
N ASN B 58 53.97 -9.13 -9.91
CA ASN B 58 55.43 -8.99 -9.76
C ASN B 58 55.81 -7.59 -9.26
N CYS B 59 55.23 -7.21 -8.13
CA CYS B 59 55.45 -5.89 -7.53
C CYS B 59 55.67 -6.05 -6.03
N ASN B 60 56.55 -5.21 -5.47
CA ASN B 60 56.70 -5.11 -4.02
C ASN B 60 55.82 -3.97 -3.53
N TYR B 61 54.61 -4.29 -3.08
CA TYR B 61 53.62 -3.29 -2.72
C TYR B 61 53.73 -2.90 -1.26
N ASN B 62 53.27 -1.69 -0.95
CA ASN B 62 53.20 -1.17 0.41
C ASN B 62 51.77 -0.69 0.63
N LEU B 63 50.94 -1.52 1.26
CA LEU B 63 49.57 -1.14 1.54
C LEU B 63 49.47 -0.15 2.69
N THR B 64 50.39 -0.22 3.65
CA THR B 64 50.32 0.66 4.81
C THR B 64 50.44 2.14 4.43
N LYS B 65 51.14 2.43 3.33
CA LYS B 65 51.28 3.80 2.85
C LYS B 65 50.12 4.23 1.96
N LEU B 66 49.31 3.30 1.46
CA LEU B 66 48.18 3.66 0.64
C LEU B 66 47.00 4.12 1.48
N LEU B 67 46.63 3.35 2.51
CA LEU B 67 45.51 3.71 3.35
C LEU B 67 45.81 4.88 4.27
N SER B 68 47.08 5.26 4.42
CA SER B 68 47.43 6.44 5.21
C SER B 68 47.09 7.74 4.50
N LEU B 69 46.82 7.70 3.20
CA LEU B 69 46.43 8.88 2.44
C LEU B 69 44.93 9.14 2.49
N PHE B 70 44.15 8.23 3.08
CA PHE B 70 42.70 8.35 3.14
C PHE B 70 42.25 8.25 4.59
N GLN B 71 41.09 8.84 4.86
CA GLN B 71 40.46 8.73 6.19
C GLN B 71 39.58 7.48 6.17
N VAL B 72 40.21 6.35 6.50
CA VAL B 72 39.55 5.06 6.38
C VAL B 72 38.40 4.97 7.37
N SER B 73 37.20 4.71 6.86
CA SER B 73 36.00 4.60 7.67
C SER B 73 35.55 3.18 7.90
N GLU B 74 35.68 2.30 6.91
CA GLU B 74 35.33 0.90 7.05
C GLU B 74 36.39 0.04 6.40
N PHE B 75 36.75 -1.07 7.06
CA PHE B 75 37.73 -2.03 6.52
C PHE B 75 37.25 -3.43 6.91
N SER B 76 36.52 -4.08 6.02
CA SER B 76 35.94 -5.40 6.28
C SER B 76 36.51 -6.40 5.30
N CYS B 77 37.28 -7.37 5.79
CA CYS B 77 37.99 -8.30 4.94
C CYS B 77 37.48 -9.73 5.17
N HIS B 78 37.20 -10.43 4.07
CA HIS B 78 36.71 -11.79 4.06
C HIS B 78 37.80 -12.75 3.59
N GLN B 79 38.01 -13.81 4.38
CA GLN B 79 39.01 -14.85 4.13
C GLN B 79 40.43 -14.32 4.27
N VAL B 80 40.58 -13.20 4.95
CA VAL B 80 41.90 -12.65 5.29
C VAL B 80 41.73 -11.63 6.40
N SER B 81 42.65 -11.62 7.35
CA SER B 81 42.62 -10.59 8.39
C SER B 81 43.07 -9.26 7.80
N PRO B 82 42.57 -8.13 8.31
CA PRO B 82 43.03 -6.83 7.81
C PRO B 82 44.52 -6.65 7.93
N SER B 83 45.10 -7.17 9.02
CA SER B 83 46.55 -7.15 9.17
C SER B 83 47.22 -8.21 8.32
N SER B 84 46.54 -9.34 8.10
CA SER B 84 47.12 -10.42 7.31
C SER B 84 47.21 -10.05 5.84
N LEU B 85 46.40 -9.09 5.40
CA LEU B 85 46.44 -8.67 4.00
C LEU B 85 47.76 -8.01 3.65
N ALA B 86 48.31 -7.21 4.57
CA ALA B 86 49.51 -6.44 4.29
C ALA B 86 50.76 -7.30 4.16
N THR B 87 50.70 -8.58 4.53
CA THR B 87 51.87 -9.44 4.47
C THR B 87 51.50 -10.74 3.78
N GLY B 88 52.46 -11.30 3.04
CA GLY B 88 52.25 -12.53 2.32
C GLY B 88 52.46 -12.39 0.83
N CYS B 89 52.92 -13.45 0.18
CA CYS B 89 53.20 -13.43 -1.26
C CYS B 89 51.99 -13.96 -2.00
N TYR B 90 51.46 -13.15 -2.93
CA TYR B 90 50.32 -13.52 -3.74
C TYR B 90 50.71 -13.54 -5.21
N SER B 91 49.98 -14.32 -6.00
CA SER B 91 50.24 -14.37 -7.43
C SER B 91 49.82 -13.08 -8.12
N SER B 92 48.67 -12.53 -7.74
CA SER B 92 48.18 -11.29 -8.35
C SER B 92 47.36 -10.51 -7.35
N LEU B 93 47.33 -9.18 -7.52
CA LEU B 93 46.57 -8.27 -6.68
C LEU B 93 45.62 -7.48 -7.57
N THR B 94 44.39 -7.26 -7.11
CA THR B 94 43.40 -6.54 -7.90
C THR B 94 42.72 -5.49 -7.01
N VAL B 95 42.58 -4.28 -7.53
CA VAL B 95 41.93 -3.19 -6.81
C VAL B 95 40.84 -2.60 -7.69
N ASP B 96 39.59 -2.72 -7.26
CA ASP B 96 38.46 -2.12 -7.95
C ASP B 96 37.99 -0.91 -7.15
N TYR B 97 38.17 0.28 -7.71
CA TYR B 97 37.84 1.50 -6.99
C TYR B 97 36.76 2.28 -7.72
N PHE B 98 35.94 2.97 -6.95
CA PHE B 98 34.90 3.84 -7.48
C PHE B 98 34.49 4.85 -6.43
N ALA B 99 33.61 5.76 -6.83
CA ALA B 99 33.11 6.79 -5.91
C ALA B 99 31.78 6.34 -5.31
N TYR B 100 31.71 6.33 -3.99
CA TYR B 100 30.58 5.70 -3.30
C TYR B 100 30.46 6.29 -1.91
N SER B 101 29.27 6.79 -1.59
CA SER B 101 29.02 7.40 -0.28
C SER B 101 29.09 6.35 0.83
N THR B 102 29.65 6.76 1.96
CA THR B 102 29.85 5.86 3.08
C THR B 102 28.55 5.46 3.77
N ASP B 103 27.54 6.33 3.78
CA ASP B 103 26.28 5.99 4.41
C ASP B 103 25.55 4.87 3.68
N MET B 104 25.98 4.52 2.47
CA MET B 104 25.44 3.40 1.71
C MET B 104 26.24 2.13 1.94
N SER B 105 26.93 2.02 3.08
CA SER B 105 27.74 0.84 3.36
C SER B 105 26.87 -0.40 3.54
N SER B 106 25.62 -0.23 3.99
CA SER B 106 24.74 -1.36 4.25
C SER B 106 24.25 -2.04 2.99
N TYR B 107 24.30 -1.37 1.84
CA TYR B 107 23.83 -1.92 0.58
C TYR B 107 24.93 -2.60 -0.22
N LEU B 108 26.17 -2.56 0.26
CA LEU B 108 27.31 -3.19 -0.40
C LEU B 108 27.75 -4.47 0.30
N GLN B 109 27.08 -4.83 1.40
CA GLN B 109 27.47 -5.97 2.21
C GLN B 109 27.01 -7.28 1.57
N PRO B 110 27.69 -8.39 1.87
CA PRO B 110 27.22 -9.70 1.40
C PRO B 110 25.88 -10.06 2.04
N GLY B 111 25.07 -10.80 1.29
CA GLY B 111 23.76 -11.18 1.75
C GLY B 111 22.69 -10.12 1.59
N SER B 112 23.03 -8.97 1.01
CA SER B 112 22.07 -7.89 0.76
C SER B 112 21.75 -7.88 -0.73
N ALA B 113 20.46 -7.91 -1.05
CA ALA B 113 20.00 -7.93 -2.43
C ALA B 113 19.33 -6.61 -2.75
N GLY B 114 19.78 -5.96 -3.82
CA GLY B 114 19.25 -4.69 -4.21
C GLY B 114 19.79 -4.29 -5.56
N GLU B 115 19.57 -3.02 -5.93
CA GLU B 115 20.09 -2.57 -7.21
C GLU B 115 21.61 -2.48 -7.21
N ILE B 116 22.21 -2.12 -6.08
CA ILE B 116 23.67 -1.98 -6.03
C ILE B 116 24.36 -3.31 -6.27
N VAL B 117 23.86 -4.38 -5.64
CA VAL B 117 24.50 -5.69 -5.74
C VAL B 117 24.10 -6.43 -7.01
N GLN B 118 23.08 -5.97 -7.72
CA GLN B 118 22.60 -6.64 -8.93
C GLN B 118 22.96 -5.89 -10.19
N PHE B 119 22.64 -4.60 -10.27
CA PHE B 119 22.83 -3.83 -11.50
C PHE B 119 24.10 -3.00 -11.49
N ASN B 120 24.78 -2.87 -10.35
CA ASN B 120 25.95 -2.00 -10.28
C ASN B 120 27.23 -2.78 -10.07
N TYR B 121 27.32 -3.53 -8.97
CA TYR B 121 28.58 -4.20 -8.61
C TYR B 121 28.27 -5.34 -7.65
N LYS B 122 28.72 -6.55 -8.00
CA LYS B 122 28.57 -7.72 -7.14
C LYS B 122 29.95 -8.25 -6.81
N GLN B 123 30.32 -8.19 -5.53
CA GLN B 123 31.65 -8.61 -5.11
C GLN B 123 31.82 -10.11 -5.26
N ASP B 124 33.01 -10.53 -5.66
CA ASP B 124 33.33 -11.94 -5.82
C ASP B 124 34.05 -12.42 -4.57
N PHE B 125 33.48 -13.42 -3.90
CA PHE B 125 34.05 -13.95 -2.67
C PHE B 125 34.81 -15.25 -2.87
N SER B 126 35.06 -15.64 -4.12
CA SER B 126 35.82 -16.87 -4.37
C SER B 126 37.24 -16.74 -3.83
N ASN B 127 37.87 -15.61 -4.06
CA ASN B 127 39.22 -15.31 -3.58
C ASN B 127 39.16 -14.50 -2.29
N PRO B 128 40.23 -14.51 -1.49
CA PRO B 128 40.28 -13.61 -0.34
C PRO B 128 40.19 -12.17 -0.78
N THR B 129 39.27 -11.42 -0.16
CA THR B 129 38.98 -10.07 -0.58
C THR B 129 38.80 -9.19 0.65
N CYS B 130 39.00 -7.88 0.48
CA CYS B 130 38.66 -6.92 1.51
C CYS B 130 37.93 -5.75 0.85
N ARG B 131 37.07 -5.10 1.62
CA ARG B 131 36.34 -3.92 1.16
C ARG B 131 36.67 -2.77 2.09
N VAL B 132 37.10 -1.66 1.50
CA VAL B 132 37.50 -0.47 2.24
C VAL B 132 36.65 0.70 1.78
N LEU B 133 36.08 1.42 2.74
CA LEU B 133 35.35 2.65 2.46
C LEU B 133 36.09 3.78 3.16
N ALA B 134 36.55 4.77 2.39
CA ALA B 134 37.43 5.80 2.94
C ALA B 134 37.08 7.15 2.34
N THR B 135 37.23 8.20 3.16
CA THR B 135 36.94 9.56 2.72
C THR B 135 38.23 10.27 2.32
N VAL B 136 38.19 10.93 1.17
CA VAL B 136 39.37 11.60 0.63
C VAL B 136 39.59 12.90 1.40
N PRO B 137 40.77 13.10 1.99
CA PRO B 137 41.01 14.32 2.76
C PRO B 137 41.27 15.52 1.86
N GLN B 138 41.34 16.70 2.49
CA GLN B 138 41.60 17.93 1.75
C GLN B 138 43.02 17.94 1.18
N ASN B 139 43.93 17.17 1.77
CA ASN B 139 45.31 17.14 1.32
C ASN B 139 45.41 16.60 -0.10
N LEU B 140 44.68 15.53 -0.42
CA LEU B 140 44.72 14.97 -1.76
C LEU B 140 44.11 15.94 -2.77
N THR B 141 44.97 16.58 -3.56
CA THR B 141 44.54 17.54 -4.56
C THR B 141 44.54 16.96 -5.97
N THR B 142 45.13 15.78 -6.17
CA THR B 142 45.16 15.16 -7.49
C THR B 142 43.88 14.42 -7.82
N ILE B 143 43.02 14.18 -6.84
CA ILE B 143 41.74 13.50 -7.07
C ILE B 143 40.66 14.57 -7.25
N THR B 144 40.12 14.66 -8.46
CA THR B 144 39.02 15.60 -8.73
C THR B 144 37.71 15.04 -8.22
N LYS B 145 36.79 15.95 -7.89
CA LYS B 145 35.49 15.56 -7.35
C LYS B 145 34.44 15.50 -8.45
N PRO B 146 33.82 14.33 -8.66
CA PRO B 146 32.73 14.25 -9.64
C PRO B 146 31.54 15.08 -9.18
N SER B 147 30.75 15.53 -10.16
CA SER B 147 29.62 16.40 -9.85
C SER B 147 28.59 15.70 -8.97
N ASN B 148 28.28 14.44 -9.26
CA ASN B 148 27.24 13.71 -8.56
C ASN B 148 27.69 12.29 -8.25
N TYR B 149 27.09 11.70 -7.22
CA TYR B 149 27.11 10.26 -7.00
C TYR B 149 25.99 9.65 -7.83
N ALA B 150 26.32 8.64 -8.62
CA ALA B 150 25.37 8.04 -9.54
C ALA B 150 25.39 6.54 -9.45
N TYR B 151 24.23 5.92 -9.67
CA TYR B 151 24.15 4.47 -9.78
C TYR B 151 22.94 4.11 -10.63
N LEU B 152 22.79 2.81 -10.89
CA LEU B 152 21.69 2.31 -11.71
C LEU B 152 20.63 1.67 -10.83
N THR B 153 19.37 1.92 -11.20
CA THR B 153 18.24 1.36 -10.48
C THR B 153 17.56 0.21 -11.21
N GLU B 154 17.77 0.08 -12.52
CA GLU B 154 17.24 -1.07 -13.25
C GLU B 154 17.99 -1.20 -14.57
N CYS B 155 18.04 -2.42 -15.07
CA CYS B 155 18.67 -2.73 -16.36
C CYS B 155 18.05 -4.03 -16.84
N TYR B 156 17.21 -3.96 -17.87
CA TYR B 156 16.36 -5.09 -18.22
C TYR B 156 16.03 -5.06 -19.71
N LYS B 157 15.48 -6.18 -20.18
CA LYS B 157 14.83 -6.25 -21.48
C LYS B 157 13.32 -6.15 -21.29
N THR B 158 12.65 -5.57 -22.28
CA THR B 158 11.20 -5.37 -22.21
C THR B 158 10.50 -6.29 -23.19
N SER B 159 9.39 -6.88 -22.73
CA SER B 159 8.56 -7.73 -23.57
C SER B 159 7.11 -7.50 -23.20
N ALA B 160 6.20 -8.05 -24.00
CA ALA B 160 4.77 -7.91 -23.75
C ALA B 160 4.36 -8.50 -22.41
N TYR B 161 5.16 -9.40 -21.84
CA TYR B 161 4.88 -10.00 -20.55
C TYR B 161 5.57 -9.27 -19.40
N GLY B 162 6.40 -8.26 -19.66
CA GLY B 162 6.95 -7.48 -18.58
C GLY B 162 8.43 -7.23 -18.74
N LYS B 163 9.13 -7.25 -17.60
CA LYS B 163 10.55 -6.91 -17.53
C LYS B 163 11.37 -8.15 -17.24
N ASN B 164 12.37 -8.41 -18.08
CA ASN B 164 13.35 -9.46 -17.82
C ASN B 164 14.63 -8.79 -17.35
N TYR B 165 14.86 -8.79 -16.05
CA TYR B 165 16.00 -8.08 -15.49
C TYR B 165 17.30 -8.81 -15.80
N LEU B 166 18.37 -8.03 -15.96
CA LEU B 166 19.71 -8.56 -16.19
C LEU B 166 20.58 -8.26 -14.98
N TYR B 167 21.28 -9.27 -14.49
CA TYR B 167 22.06 -9.18 -13.27
C TYR B 167 23.54 -9.34 -13.57
N ASN B 168 24.35 -8.67 -12.76
CA ASN B 168 25.80 -8.73 -12.95
C ASN B 168 26.36 -10.07 -12.50
N ALA B 169 27.41 -10.51 -13.19
CA ALA B 169 28.21 -11.62 -12.69
C ALA B 169 29.13 -11.12 -11.57
N PRO B 170 29.54 -12.00 -10.66
CA PRO B 170 30.48 -11.58 -9.61
C PRO B 170 31.77 -11.01 -10.16
N GLY B 171 32.02 -9.73 -9.91
CA GLY B 171 33.21 -9.08 -10.40
C GLY B 171 33.15 -8.59 -11.82
N GLY B 172 31.99 -8.70 -12.48
CA GLY B 172 31.84 -8.28 -13.85
C GLY B 172 31.10 -6.96 -13.98
N TYR B 173 30.79 -6.61 -15.22
CA TYR B 173 30.14 -5.35 -15.55
C TYR B 173 28.69 -5.59 -15.96
N THR B 174 27.87 -4.56 -15.77
CA THR B 174 26.47 -4.66 -16.17
C THR B 174 26.37 -4.72 -17.69
N PRO B 175 25.39 -5.45 -18.22
CA PRO B 175 25.17 -5.42 -19.68
C PRO B 175 24.75 -4.06 -20.20
N CYS B 176 24.19 -3.20 -19.36
CA CYS B 176 23.74 -1.87 -19.75
C CYS B 176 24.83 -0.82 -19.65
N LEU B 177 26.10 -1.22 -19.71
CA LEU B 177 27.17 -0.25 -19.57
C LEU B 177 27.23 0.71 -20.76
N SER B 178 26.99 0.20 -21.97
CA SER B 178 27.01 1.06 -23.15
C SER B 178 25.92 2.12 -23.10
N LEU B 179 24.72 1.76 -22.64
CA LEU B 179 23.64 2.73 -22.51
C LEU B 179 23.93 3.72 -21.38
N ALA B 180 24.45 3.24 -20.26
CA ALA B 180 24.73 4.12 -19.13
C ALA B 180 25.84 5.09 -19.44
N SER B 181 26.74 4.74 -20.37
CA SER B 181 27.84 5.63 -20.73
C SER B 181 27.38 6.93 -21.35
N ARG B 182 26.12 7.02 -21.82
CA ARG B 182 25.62 8.27 -22.36
C ARG B 182 25.46 9.34 -21.30
N GLY B 183 25.37 8.96 -20.03
CA GLY B 183 25.30 9.91 -18.93
C GLY B 183 23.87 10.18 -18.51
N PHE B 184 23.70 10.48 -17.22
CA PHE B 184 22.39 10.76 -16.64
C PHE B 184 22.37 12.21 -16.17
N SER B 185 21.33 12.95 -16.57
CA SER B 185 21.19 14.35 -16.19
C SER B 185 20.24 14.54 -15.01
N THR B 186 19.27 13.64 -14.84
CA THR B 186 18.30 13.73 -13.75
C THR B 186 18.14 12.36 -13.10
N LYS B 187 17.48 12.34 -11.95
CA LYS B 187 17.17 11.09 -11.29
C LYS B 187 16.14 10.30 -12.09
N TYR B 188 16.32 8.99 -12.14
CA TYR B 188 15.41 8.08 -12.82
C TYR B 188 15.24 8.45 -14.29
N GLN B 189 16.34 8.85 -14.92
CA GLN B 189 16.37 9.02 -16.36
C GLN B 189 16.76 7.70 -17.00
N SER B 190 16.06 7.32 -18.06
CA SER B 190 16.25 6.02 -18.68
C SER B 190 16.77 6.17 -20.11
N HIS B 191 17.66 5.26 -20.47
CA HIS B 191 18.21 5.15 -21.81
C HIS B 191 17.84 3.79 -22.38
N SER B 192 17.44 3.78 -23.65
CA SER B 192 16.98 2.55 -24.29
C SER B 192 17.58 2.44 -25.68
N ASP B 193 17.98 1.22 -26.02
CA ASP B 193 18.52 0.89 -27.34
C ASP B 193 17.54 0.07 -28.17
N GLY B 194 16.26 0.08 -27.83
CA GLY B 194 15.25 -0.73 -28.46
C GLY B 194 15.03 -2.07 -27.79
N GLU B 195 16.08 -2.66 -27.24
CA GLU B 195 15.99 -3.93 -26.52
C GLU B 195 16.33 -3.78 -25.05
N LEU B 196 17.45 -3.15 -24.73
CA LEU B 196 17.85 -2.92 -23.35
C LEU B 196 17.37 -1.56 -22.89
N THR B 197 16.96 -1.48 -21.62
CA THR B 197 16.59 -0.22 -21.00
C THR B 197 17.25 -0.12 -19.63
N THR B 198 17.83 1.04 -19.34
CA THR B 198 18.50 1.29 -18.08
C THR B 198 18.00 2.59 -17.47
N THR B 199 18.01 2.65 -16.14
CA THR B 199 17.57 3.83 -15.42
C THR B 199 18.63 4.24 -14.41
N GLY B 200 18.90 5.54 -14.33
CA GLY B 200 19.94 6.04 -13.44
C GLY B 200 19.46 6.98 -12.38
N TYR B 201 20.10 6.93 -11.21
CA TYR B 201 19.78 7.79 -10.08
C TYR B 201 21.04 8.52 -9.66
N ILE B 202 20.96 9.86 -9.59
CA ILE B 202 22.10 10.70 -9.26
C ILE B 202 21.71 11.64 -8.12
N TYR B 203 22.73 12.05 -7.36
CA TYR B 203 22.51 13.03 -6.30
C TYR B 203 23.79 13.77 -6.02
N PRO B 204 23.75 15.06 -5.68
CA PRO B 204 24.97 15.84 -5.57
C PRO B 204 25.87 15.37 -4.43
N VAL B 205 27.16 15.63 -4.58
CA VAL B 205 28.16 15.28 -3.58
C VAL B 205 28.33 16.45 -2.62
N THR B 206 28.22 16.17 -1.33
CA THR B 206 28.32 17.19 -0.30
C THR B 206 29.57 16.94 0.55
N GLY B 207 30.31 18.01 0.81
CA GLY B 207 31.52 17.88 1.62
C GLY B 207 32.62 17.21 0.82
N ASN B 208 33.38 16.35 1.50
CA ASN B 208 34.50 15.66 0.88
C ASN B 208 33.99 14.52 0.00
N LEU B 209 34.91 13.89 -0.72
CA LEU B 209 34.58 12.78 -1.60
C LEU B 209 34.83 11.46 -0.89
N GLN B 210 33.84 10.58 -0.93
CA GLN B 210 33.93 9.27 -0.29
C GLN B 210 34.10 8.21 -1.37
N MET B 211 35.08 7.33 -1.17
CA MET B 211 35.57 6.41 -2.18
C MET B 211 35.52 4.99 -1.64
N ALA B 212 35.37 4.02 -2.55
CA ALA B 212 35.31 2.62 -2.18
C ALA B 212 36.34 1.83 -2.97
N PHE B 213 37.04 0.94 -2.26
CA PHE B 213 38.07 0.07 -2.83
C PHE B 213 37.74 -1.37 -2.50
N ILE B 214 37.96 -2.26 -3.46
CA ILE B 214 37.83 -3.70 -3.26
C ILE B 214 39.18 -4.32 -3.62
N ILE B 215 39.86 -4.89 -2.63
CA ILE B 215 41.19 -5.46 -2.83
C ILE B 215 41.09 -6.98 -2.77
N SER B 216 41.40 -7.64 -3.88
CA SER B 216 41.32 -9.09 -3.97
C SER B 216 42.71 -9.65 -4.22
N VAL B 217 43.04 -10.75 -3.54
CA VAL B 217 44.34 -11.39 -3.71
C VAL B 217 44.12 -12.77 -4.32
N GLN B 218 44.93 -13.09 -5.32
CA GLN B 218 44.86 -14.39 -5.99
C GLN B 218 46.20 -15.11 -5.86
N TYR B 219 46.13 -16.35 -5.40
CA TYR B 219 47.32 -17.18 -5.25
C TYR B 219 47.61 -17.96 -6.53
N ASP B 222 52.64 -20.67 -9.18
CA ASP B 222 53.66 -19.79 -8.60
C ASP B 222 53.01 -18.59 -7.93
N THR B 223 53.33 -18.39 -6.64
CA THR B 223 52.79 -17.29 -5.86
C THR B 223 53.88 -16.35 -5.37
N ASN B 224 55.05 -16.37 -6.00
CA ASN B 224 56.18 -15.54 -5.58
C ASN B 224 56.26 -14.22 -6.34
N SER B 225 55.24 -13.91 -7.16
CA SER B 225 55.30 -12.69 -7.96
C SER B 225 55.15 -11.44 -7.09
N VAL B 226 54.02 -11.32 -6.39
CA VAL B 226 53.73 -10.13 -5.59
C VAL B 226 54.01 -10.48 -4.13
N CYS B 227 55.01 -9.82 -3.55
CA CYS B 227 55.38 -9.97 -2.16
C CYS B 227 55.53 -8.59 -1.54
N PRO B 228 55.30 -8.45 -0.22
CA PRO B 228 55.42 -7.17 0.48
C PRO B 228 56.81 -6.55 0.36
#